data_5KLS
#
_entry.id   5KLS
#
_cell.length_a   125.470
_cell.length_b   125.870
_cell.length_c   191.705
_cell.angle_alpha   90.00
_cell.angle_beta   90.00
_cell.angle_gamma   90.00
#
_symmetry.space_group_name_H-M   'P 21 2 21'
#
loop_
_entity.id
_entity.type
_entity.pdbx_description
1 polymer 'Ion transport protein'
2 non-polymer 1,2-DIMYRISTOYL-RAC-GLYCERO-3-PHOSPHOCHOLINE
3 non-polymer 'CALCIUM ION'
4 non-polymer 'O3-ethyl O5-methyl (4R)-4-(2-bromophenyl)-2-[2-(dimethylamino)ethoxymethyl]-6-methyl-1,4-dihydropyridine-3,5-dicarboxylate'
5 water water
#
_entity_poly.entity_id   1
_entity_poly.type   'polypeptide(L)'
_entity_poly.pdbx_seq_one_letter_code
;MDYKDDDDKGSLVPRGSHMYLRITNIVESSFFTKFIIYLIVLNGITMGLETSKTFMQSFGVYTTLFNQIVITIFTIEIIL
RIYVHRISFFKDPWSLFDFFVVAISLVPTSSGFEILRVLRVLRLFRLVTAVPQMRKIVSALISVIPGMLSVIALMTLFFY
IFAIMATQLFGERFPEWFGTLGESFYTLFQVMTLDDWSNGIVRPLMEVYPYAWVFFIPFIFVVTFVMINLVVAIIVDAMA
ILNQKEEQHIIDEVQSHEDNINNEIIKLREEIVELKELIKTSLKN
;
_entity_poly.pdbx_strand_id   A,B,C,D
#
# COMPACT_ATOMS: atom_id res chain seq x y z
N MET A 19 -7.88 58.33 16.29
CA MET A 19 -7.77 58.24 14.81
C MET A 19 -7.68 56.73 14.56
N TYR A 20 -8.79 56.12 14.16
CA TYR A 20 -8.89 54.67 13.84
C TYR A 20 -7.87 54.07 12.86
N LEU A 21 -7.76 54.63 11.66
CA LEU A 21 -6.99 54.03 10.57
C LEU A 21 -5.56 53.84 11.03
N ARG A 22 -5.16 54.61 12.04
CA ARG A 22 -3.80 54.61 12.55
C ARG A 22 -3.39 53.25 13.14
N ILE A 23 -4.21 52.67 14.00
CA ILE A 23 -3.95 51.31 14.51
C ILE A 23 -4.22 50.27 13.40
N THR A 24 -5.29 50.49 12.64
CA THR A 24 -5.69 49.63 11.52
C THR A 24 -4.56 49.36 10.50
N ASN A 25 -3.68 50.32 10.30
CA ASN A 25 -2.53 50.19 9.38
C ASN A 25 -1.33 49.37 9.88
N ILE A 26 -1.19 49.25 11.20
CA ILE A 26 -0.08 48.53 11.91
C ILE A 26 -0.10 47.01 11.68
N VAL A 27 -1.30 46.45 11.86
CA VAL A 27 -1.60 45.02 11.68
C VAL A 27 -1.24 44.51 10.28
N GLU A 28 -1.52 45.36 9.29
CA GLU A 28 -1.32 45.03 7.89
C GLU A 28 0.12 45.16 7.44
N SER A 29 1.00 45.62 8.31
CA SER A 29 2.37 45.87 7.90
C SER A 29 3.09 44.54 7.71
N SER A 30 4.09 44.54 6.84
CA SER A 30 4.95 43.38 6.67
C SER A 30 5.73 43.02 7.94
N PHE A 31 5.99 43.98 8.82
CA PHE A 31 6.79 43.71 10.04
C PHE A 31 5.96 43.00 11.13
N PHE A 32 4.68 43.34 11.23
CA PHE A 32 3.75 42.75 12.22
C PHE A 32 3.57 41.24 12.05
N THR A 33 3.21 40.83 10.84
CA THR A 33 2.98 39.43 10.57
C THR A 33 4.28 38.68 10.77
N LYS A 34 5.35 39.16 10.15
CA LYS A 34 6.64 38.51 10.30
C LYS A 34 7.09 38.56 11.76
N PHE A 35 6.69 39.60 12.49
CA PHE A 35 7.02 39.63 13.90
C PHE A 35 6.30 38.46 14.54
N ILE A 36 5.05 38.25 14.11
CA ILE A 36 4.27 37.13 14.65
C ILE A 36 4.86 35.78 14.15
N ILE A 37 5.20 35.70 12.85
CA ILE A 37 5.82 34.49 12.27
C ILE A 37 7.11 34.11 12.98
N TYR A 38 7.93 35.10 13.27
CA TYR A 38 9.15 34.88 14.00
C TYR A 38 8.87 34.51 15.45
N LEU A 39 7.74 34.98 15.99
CA LEU A 39 7.30 34.62 17.34
C LEU A 39 6.80 33.16 17.45
N ILE A 40 5.92 32.75 16.53
CA ILE A 40 5.38 31.37 16.54
C ILE A 40 6.55 30.39 16.43
N VAL A 41 7.48 30.65 15.50
CA VAL A 41 8.66 29.79 15.34
C VAL A 41 9.37 29.70 16.66
N LEU A 42 9.34 30.76 17.45
CA LEU A 42 10.00 30.72 18.75
C LEU A 42 9.23 29.86 19.76
N ASN A 43 7.92 30.09 19.90
CA ASN A 43 7.15 29.25 20.82
C ASN A 43 7.14 27.78 20.38
N GLY A 44 7.27 27.55 19.09
CA GLY A 44 7.29 26.20 18.56
C GLY A 44 8.57 25.47 18.86
N ILE A 45 9.69 26.18 18.72
CA ILE A 45 10.96 25.63 19.11
C ILE A 45 10.93 25.49 20.63
N THR A 46 10.27 26.43 21.30
CA THR A 46 10.13 26.36 22.75
C THR A 46 9.41 25.06 23.14
N MET A 47 8.31 24.81 22.47
CA MET A 47 7.49 23.66 22.79
C MET A 47 8.23 22.37 22.51
N GLY A 48 9.11 22.37 21.52
CA GLY A 48 9.98 21.22 21.27
C GLY A 48 10.85 20.90 22.47
N LEU A 49 11.62 21.88 22.93
CA LEU A 49 12.49 21.72 24.12
C LEU A 49 11.69 21.39 25.38
N GLU A 50 10.42 21.75 25.38
CA GLU A 50 9.50 21.42 26.46
C GLU A 50 9.26 19.94 26.63
N THR A 51 9.69 19.17 25.63
CA THR A 51 9.52 17.72 25.61
C THR A 51 10.69 17.04 26.35
N SER A 52 11.83 17.74 26.35
CA SER A 52 13.01 17.29 27.08
C SER A 52 12.82 17.49 28.58
N LYS A 53 12.84 16.39 29.31
CA LYS A 53 12.65 16.42 30.75
C LYS A 53 13.85 17.11 31.41
N THR A 54 15.03 16.98 30.81
CA THR A 54 16.24 17.62 31.33
C THR A 54 16.11 19.13 31.22
N PHE A 55 15.68 19.60 30.05
CA PHE A 55 15.54 21.03 29.77
C PHE A 55 14.56 21.76 30.67
N MET A 56 13.42 21.14 30.94
CA MET A 56 12.32 21.72 31.70
C MET A 56 12.55 22.11 33.18
N GLN A 57 13.63 21.63 33.78
CA GLN A 57 14.01 22.11 35.10
C GLN A 57 15.46 22.47 35.22
N SER A 58 16.03 22.87 34.09
CA SER A 58 17.40 23.37 34.00
C SER A 58 17.23 24.78 33.46
N PHE A 59 16.11 24.99 32.79
CA PHE A 59 15.78 26.25 32.13
C PHE A 59 14.27 26.48 32.05
N GLY A 60 13.52 25.77 32.87
CA GLY A 60 12.06 25.83 32.81
C GLY A 60 11.33 27.17 32.93
N VAL A 61 11.84 28.11 33.72
CA VAL A 61 11.10 29.37 33.94
C VAL A 61 10.98 30.23 32.68
N TYR A 62 12.09 30.37 31.93
CA TYR A 62 12.04 31.11 30.67
C TYR A 62 10.95 30.52 29.79
N THR A 63 10.76 29.22 29.87
CA THR A 63 9.89 28.55 28.94
C THR A 63 8.46 28.81 29.40
N THR A 64 8.27 28.99 30.70
CA THR A 64 6.94 29.34 31.23
C THR A 64 6.58 30.81 30.96
N LEU A 65 7.61 31.65 31.02
CA LEU A 65 7.51 33.08 30.71
C LEU A 65 7.13 33.36 29.27
N PHE A 66 7.87 32.74 28.34
CA PHE A 66 7.63 32.93 26.92
C PHE A 66 6.19 32.62 26.63
N ASN A 67 5.68 31.57 27.26
CA ASN A 67 4.30 31.18 27.12
C ASN A 67 3.27 32.25 27.48
N GLN A 68 3.47 32.95 28.58
CA GLN A 68 2.50 33.96 28.95
C GLN A 68 2.60 35.21 28.07
N ILE A 69 3.82 35.59 27.72
CA ILE A 69 4.05 36.73 26.84
C ILE A 69 3.42 36.50 25.48
N VAL A 70 3.87 35.45 24.82
CA VAL A 70 3.39 35.13 23.53
C VAL A 70 1.86 34.96 23.59
N ILE A 71 1.32 34.34 24.64
CA ILE A 71 -0.13 34.15 24.68
C ILE A 71 -0.85 35.48 24.82
N THR A 72 -0.19 36.43 25.45
CA THR A 72 -0.78 37.75 25.61
C THR A 72 -0.65 38.51 24.28
N ILE A 73 0.58 38.60 23.79
CA ILE A 73 0.87 39.20 22.51
C ILE A 73 -0.05 38.68 21.42
N PHE A 74 -0.19 37.36 21.30
CA PHE A 74 -1.08 36.80 20.28
C PHE A 74 -2.51 37.24 20.53
N THR A 75 -2.90 37.37 21.79
CA THR A 75 -4.27 37.75 22.10
C THR A 75 -4.43 39.20 21.68
N ILE A 76 -3.41 40.01 21.95
CA ILE A 76 -3.42 41.34 21.44
C ILE A 76 -3.59 41.33 19.91
N GLU A 77 -2.70 40.62 19.22
CA GLU A 77 -2.71 40.59 17.76
C GLU A 77 -4.06 40.20 17.19
N ILE A 78 -4.75 39.26 17.83
CA ILE A 78 -6.04 38.83 17.30
C ILE A 78 -7.06 39.95 17.50
N ILE A 79 -6.98 40.64 18.64
CA ILE A 79 -7.91 41.70 18.98
C ILE A 79 -7.76 42.88 18.01
N LEU A 80 -6.54 43.32 17.80
CA LEU A 80 -6.26 44.32 16.78
C LEU A 80 -6.90 43.96 15.43
N ARG A 81 -6.70 42.73 14.95
CA ARG A 81 -7.30 42.34 13.65
C ARG A 81 -8.82 42.35 13.74
N ILE A 82 -9.37 42.12 14.93
CA ILE A 82 -10.83 42.23 15.19
C ILE A 82 -11.30 43.69 15.15
N TYR A 83 -10.51 44.59 15.73
CA TYR A 83 -10.82 46.00 15.69
C TYR A 83 -10.86 46.39 14.21
N VAL A 84 -9.81 46.02 13.49
CA VAL A 84 -9.67 46.29 12.08
C VAL A 84 -10.75 45.61 11.21
N HIS A 85 -10.98 44.32 11.40
CA HIS A 85 -11.87 43.59 10.47
C HIS A 85 -13.32 43.57 10.91
N ARG A 86 -13.59 43.83 12.20
CA ARG A 86 -14.95 43.78 12.76
C ARG A 86 -15.66 42.48 12.41
N ILE A 87 -16.89 42.52 11.88
CA ILE A 87 -17.64 41.31 11.62
C ILE A 87 -17.02 40.42 10.50
N SER A 88 -16.24 41.03 9.60
CA SER A 88 -15.58 40.35 8.44
C SER A 88 -14.39 39.43 8.81
N PHE A 89 -14.01 39.49 10.08
CA PHE A 89 -13.00 38.63 10.74
C PHE A 89 -13.54 37.23 10.95
N PHE A 90 -14.85 37.14 11.17
CA PHE A 90 -15.53 35.89 11.47
C PHE A 90 -15.99 35.17 10.19
N LYS A 91 -15.48 35.56 9.05
CA LYS A 91 -15.63 34.69 7.88
C LYS A 91 -14.26 34.45 7.30
N ASP A 92 -13.23 34.73 8.10
CA ASP A 92 -11.92 34.32 7.73
C ASP A 92 -11.68 33.05 8.56
N PRO A 93 -11.60 31.88 7.89
CA PRO A 93 -11.49 30.62 8.63
C PRO A 93 -10.18 30.62 9.40
N TRP A 94 -9.17 31.19 8.75
CA TRP A 94 -7.83 31.33 9.26
C TRP A 94 -7.81 32.07 10.60
N SER A 95 -8.65 33.10 10.69
CA SER A 95 -8.74 33.96 11.86
C SER A 95 -9.63 33.29 12.88
N LEU A 96 -10.72 32.73 12.39
CA LEU A 96 -11.60 31.96 13.22
C LEU A 96 -10.72 30.92 13.89
N PHE A 97 -9.87 30.26 13.09
CA PHE A 97 -8.91 29.29 13.60
C PHE A 97 -8.01 29.93 14.61
N ASP A 98 -7.48 31.10 14.26
CA ASP A 98 -6.58 31.80 15.17
C ASP A 98 -7.25 32.20 16.46
N PHE A 99 -8.51 32.60 16.36
CA PHE A 99 -9.23 32.96 17.56
C PHE A 99 -9.37 31.74 18.47
N PHE A 100 -9.92 30.65 17.91
CA PHE A 100 -10.19 29.42 18.66
C PHE A 100 -8.91 28.74 19.14
N VAL A 101 -7.83 28.87 18.39
CA VAL A 101 -6.56 28.26 18.77
C VAL A 101 -5.76 29.04 19.84
N VAL A 102 -5.98 30.33 19.91
CA VAL A 102 -5.34 31.19 20.92
C VAL A 102 -6.22 31.13 22.14
N ALA A 103 -7.53 31.11 21.90
CA ALA A 103 -8.52 31.00 22.95
C ALA A 103 -8.25 29.73 23.71
N ILE A 104 -8.08 28.63 22.96
CA ILE A 104 -7.71 27.33 23.56
C ILE A 104 -6.54 27.47 24.56
N SER A 105 -5.51 28.18 24.14
CA SER A 105 -4.27 28.32 24.91
C SER A 105 -4.49 29.24 26.13
N LEU A 106 -5.73 29.68 26.29
CA LEU A 106 -6.08 30.65 27.32
C LEU A 106 -6.98 30.13 28.45
N VAL A 107 -7.62 28.98 28.27
CA VAL A 107 -8.39 28.39 29.36
C VAL A 107 -7.43 27.99 30.47
N PRO A 108 -7.82 28.27 31.71
CA PRO A 108 -6.93 28.09 32.83
C PRO A 108 -6.68 26.62 33.02
N THR A 109 -5.46 26.23 33.35
CA THR A 109 -5.17 24.82 33.59
C THR A 109 -5.99 24.28 34.77
N SER A 110 -6.10 25.07 35.83
CA SER A 110 -6.70 24.58 37.07
C SER A 110 -8.11 24.07 36.85
N SER A 111 -8.37 22.85 37.30
CA SER A 111 -9.65 22.20 37.09
C SER A 111 -9.68 21.64 35.68
N GLY A 112 -10.73 20.89 35.41
CA GLY A 112 -11.02 20.46 34.03
C GLY A 112 -10.01 19.49 33.45
N PHE A 113 -9.54 19.76 32.22
CA PHE A 113 -8.90 18.74 31.41
C PHE A 113 -7.44 19.02 31.11
N GLU A 114 -6.60 18.01 31.36
CA GLU A 114 -5.16 18.13 31.28
C GLU A 114 -4.80 18.11 29.80
N ILE A 115 -5.76 17.61 29.01
CA ILE A 115 -5.64 17.59 27.56
C ILE A 115 -5.67 18.98 26.94
N LEU A 116 -6.46 19.86 27.53
CA LEU A 116 -6.55 21.23 27.08
C LEU A 116 -5.15 21.87 27.17
N ARG A 117 -4.36 21.38 28.14
CA ARG A 117 -2.97 21.79 28.37
C ARG A 117 -2.05 21.38 27.24
N VAL A 118 -2.42 20.28 26.58
CA VAL A 118 -1.70 19.71 25.43
C VAL A 118 -2.19 20.38 24.16
N LEU A 119 -3.45 20.76 24.21
CA LEU A 119 -4.06 21.43 23.11
C LEU A 119 -3.28 22.66 22.69
N ARG A 120 -2.57 23.28 23.63
CA ARG A 120 -1.89 24.52 23.32
C ARG A 120 -1.02 24.42 22.08
N VAL A 121 -0.37 23.28 21.88
CA VAL A 121 0.58 23.16 20.78
C VAL A 121 -0.07 23.31 19.37
N LEU A 122 -1.38 23.12 19.26
CA LEU A 122 -2.06 23.36 17.99
C LEU A 122 -1.79 24.73 17.38
N ARG A 123 -1.50 25.66 18.28
CA ARG A 123 -1.16 27.02 17.99
C ARG A 123 0.08 27.07 17.09
N LEU A 124 0.81 25.97 17.04
CA LEU A 124 1.97 25.93 16.15
C LEU A 124 1.53 25.81 14.69
N PHE A 125 0.25 25.54 14.49
CA PHE A 125 -0.30 25.49 13.14
C PHE A 125 -0.50 26.90 12.62
N ARG A 126 -0.24 27.90 13.44
CA ARG A 126 -0.29 29.29 12.97
C ARG A 126 0.82 29.63 11.94
N LEU A 127 1.91 28.89 11.98
CA LEU A 127 2.99 29.02 10.99
C LEU A 127 2.35 28.81 9.63
N VAL A 128 1.42 27.88 9.57
CA VAL A 128 0.61 27.69 8.39
C VAL A 128 -0.25 28.92 8.14
N THR A 129 -0.89 29.41 9.20
CA THR A 129 -1.91 30.47 9.05
C THR A 129 -1.34 31.78 8.54
N ALA A 130 -0.07 32.02 8.84
CA ALA A 130 0.54 33.33 8.66
C ALA A 130 1.48 33.37 7.47
N VAL A 131 1.82 32.21 6.93
CA VAL A 131 2.74 32.08 5.80
C VAL A 131 1.96 31.67 4.54
N PRO A 132 1.82 32.57 3.56
CA PRO A 132 0.98 32.31 2.39
C PRO A 132 1.15 31.00 1.59
N GLN A 133 2.35 30.47 1.43
CA GLN A 133 2.44 29.21 0.69
C GLN A 133 1.70 28.07 1.35
N MET A 134 1.85 27.95 2.66
CA MET A 134 1.16 26.90 3.39
C MET A 134 -0.36 26.99 3.27
N ARG A 135 -0.95 28.15 3.57
CA ARG A 135 -2.38 28.36 3.26
C ARG A 135 -2.71 27.90 1.81
N LYS A 136 -1.79 28.14 0.86
CA LYS A 136 -1.98 27.81 -0.58
C LYS A 136 -1.80 26.33 -0.89
N ILE A 137 -0.85 25.71 -0.18
CA ILE A 137 -0.68 24.26 -0.21
C ILE A 137 -1.93 23.54 0.27
N VAL A 138 -2.48 24.00 1.39
CA VAL A 138 -3.70 23.43 1.94
C VAL A 138 -4.86 23.53 0.97
N SER A 139 -4.86 24.58 0.16
CA SER A 139 -5.92 24.77 -0.81
C SER A 139 -5.92 23.60 -1.76
N ALA A 140 -4.76 23.21 -2.26
CA ALA A 140 -4.73 22.00 -3.06
C ALA A 140 -5.29 20.85 -2.25
N LEU A 141 -4.86 20.74 -1.00
CA LEU A 141 -5.34 19.68 -0.11
C LEU A 141 -6.84 19.66 0.22
N ILE A 142 -7.33 20.77 0.74
CA ILE A 142 -8.73 20.85 1.13
C ILE A 142 -9.66 20.68 -0.06
N SER A 143 -9.24 21.15 -1.22
CA SER A 143 -10.17 21.36 -2.35
C SER A 143 -10.63 20.13 -3.13
N VAL A 144 -9.91 19.03 -3.04
CA VAL A 144 -10.32 17.82 -3.71
C VAL A 144 -11.38 17.17 -2.81
N ILE A 145 -11.46 17.60 -1.55
CA ILE A 145 -12.32 16.98 -0.53
C ILE A 145 -13.82 17.14 -0.82
N PRO A 146 -14.27 18.36 -1.19
CA PRO A 146 -15.70 18.52 -1.44
C PRO A 146 -16.22 17.62 -2.57
N GLY A 147 -15.41 17.47 -3.61
CA GLY A 147 -15.72 16.54 -4.71
C GLY A 147 -15.73 15.07 -4.32
N MET A 148 -15.07 14.72 -3.21
CA MET A 148 -15.01 13.32 -2.75
C MET A 148 -16.17 12.98 -1.82
N LEU A 149 -16.80 13.95 -1.18
CA LEU A 149 -17.78 13.69 -0.12
C LEU A 149 -18.85 12.69 -0.52
N SER A 150 -19.16 12.66 -1.81
CA SER A 150 -20.11 11.69 -2.30
C SER A 150 -19.55 10.26 -2.18
N VAL A 151 -18.33 10.02 -2.66
CA VAL A 151 -17.72 8.69 -2.59
C VAL A 151 -17.49 8.38 -1.13
N ILE A 152 -17.10 9.36 -0.33
CA ILE A 152 -17.00 9.23 1.14
C ILE A 152 -18.35 8.85 1.75
N ALA A 153 -19.43 9.33 1.15
CA ALA A 153 -20.75 8.92 1.62
C ALA A 153 -21.11 7.43 1.40
N LEU A 154 -20.86 6.90 0.21
CA LEU A 154 -21.10 5.46 -0.10
C LEU A 154 -20.33 4.53 0.86
N MET A 155 -19.04 4.84 1.04
CA MET A 155 -18.12 4.04 1.84
C MET A 155 -18.50 4.06 3.30
N THR A 156 -18.77 5.25 3.80
CA THR A 156 -19.19 5.41 5.15
C THR A 156 -20.44 4.62 5.40
N LEU A 157 -21.33 4.63 4.44
CA LEU A 157 -22.56 3.90 4.61
C LEU A 157 -22.17 2.42 4.76
N PHE A 158 -21.27 1.95 3.89
CA PHE A 158 -20.80 0.54 3.82
C PHE A 158 -20.17 0.12 5.13
N PHE A 159 -19.32 0.98 5.64
CA PHE A 159 -18.73 0.78 6.93
C PHE A 159 -19.82 0.65 7.96
N TYR A 160 -20.79 1.54 7.90
CA TYR A 160 -21.85 1.47 8.88
C TYR A 160 -22.59 0.14 8.76
N ILE A 161 -22.96 -0.26 7.55
CA ILE A 161 -23.68 -1.54 7.34
C ILE A 161 -22.87 -2.78 7.72
N PHE A 162 -21.61 -2.83 7.28
CA PHE A 162 -20.74 -3.98 7.54
C PHE A 162 -20.28 -4.05 9.00
N ALA A 163 -20.01 -2.89 9.60
CA ALA A 163 -19.65 -2.87 10.99
C ALA A 163 -20.80 -3.53 11.80
N ILE A 164 -22.04 -3.20 11.42
CA ILE A 164 -23.17 -3.78 12.13
C ILE A 164 -23.14 -5.30 11.97
N MET A 165 -23.08 -5.78 10.73
CA MET A 165 -23.07 -7.23 10.47
C MET A 165 -21.90 -7.86 11.19
N ALA A 166 -20.78 -7.17 11.27
CA ALA A 166 -19.66 -7.78 11.95
C ALA A 166 -19.93 -7.90 13.45
N THR A 167 -20.52 -6.88 14.06
CA THR A 167 -20.88 -7.01 15.48
C THR A 167 -21.80 -8.16 15.78
N GLN A 168 -22.78 -8.42 14.97
CA GLN A 168 -23.68 -9.50 15.34
C GLN A 168 -23.07 -10.85 15.06
N LEU A 169 -22.25 -10.97 14.01
CA LEU A 169 -21.70 -12.26 13.64
C LEU A 169 -20.54 -12.61 14.55
N PHE A 170 -19.73 -11.66 15.00
CA PHE A 170 -18.48 -12.05 15.71
C PHE A 170 -18.29 -11.45 17.07
N GLY A 171 -19.17 -10.57 17.48
CA GLY A 171 -19.06 -9.86 18.74
C GLY A 171 -19.32 -10.68 20.00
N GLU A 172 -20.05 -11.78 19.87
CA GLU A 172 -20.34 -12.61 21.05
C GLU A 172 -19.02 -13.22 21.54
N ARG A 173 -18.33 -13.89 20.62
CA ARG A 173 -17.10 -14.59 20.93
C ARG A 173 -15.83 -13.76 20.69
N PHE A 174 -15.94 -12.58 20.15
CA PHE A 174 -14.71 -11.85 19.97
C PHE A 174 -14.96 -10.40 20.35
N PRO A 175 -15.40 -10.16 21.60
CA PRO A 175 -15.73 -8.78 22.02
C PRO A 175 -14.63 -7.73 21.84
N GLU A 176 -13.34 -8.09 22.02
CA GLU A 176 -12.25 -7.10 21.93
C GLU A 176 -12.34 -6.43 20.59
N TRP A 177 -12.58 -7.24 19.58
CA TRP A 177 -12.62 -6.76 18.24
C TRP A 177 -13.98 -6.28 17.71
N PHE A 178 -15.07 -6.87 18.19
CA PHE A 178 -16.36 -6.66 17.56
C PHE A 178 -17.54 -6.61 18.52
N GLY A 179 -17.27 -6.47 19.82
CA GLY A 179 -18.32 -6.58 20.81
C GLY A 179 -19.32 -5.46 20.77
N THR A 180 -18.85 -4.32 20.25
CA THR A 180 -19.55 -3.06 20.18
C THR A 180 -19.48 -2.51 18.77
N LEU A 181 -20.35 -1.57 18.45
CA LEU A 181 -20.34 -1.00 17.10
C LEU A 181 -19.01 -0.36 16.76
N GLY A 182 -18.50 0.43 17.70
CA GLY A 182 -17.23 1.12 17.53
C GLY A 182 -16.09 0.17 17.26
N GLU A 183 -16.14 -0.97 17.95
CA GLU A 183 -15.11 -1.93 17.77
C GLU A 183 -15.18 -2.47 16.35
N SER A 184 -16.37 -2.78 15.85
CA SER A 184 -16.39 -3.27 14.47
C SER A 184 -15.83 -2.25 13.49
N PHE A 185 -16.10 -0.98 13.80
CA PHE A 185 -15.53 0.11 12.99
C PHE A 185 -14.00 0.15 13.03
N TYR A 186 -13.45 0.28 14.25
CA TYR A 186 -12.00 0.36 14.46
C TYR A 186 -11.33 -0.86 13.92
N THR A 187 -11.91 -2.02 14.19
CA THR A 187 -11.36 -3.21 13.61
C THR A 187 -11.44 -3.20 12.07
N LEU A 188 -12.62 -2.94 11.54
CA LEU A 188 -12.82 -2.90 10.07
C LEU A 188 -11.88 -1.89 9.37
N PHE A 189 -11.67 -0.74 10.01
CA PHE A 189 -10.74 0.27 9.48
C PHE A 189 -9.38 -0.39 9.31
N GLN A 190 -8.94 -1.06 10.39
CA GLN A 190 -7.70 -1.82 10.40
C GLN A 190 -7.67 -2.77 9.23
N VAL A 191 -8.75 -3.53 9.06
CA VAL A 191 -8.78 -4.50 8.02
C VAL A 191 -8.68 -3.75 6.74
N MET A 192 -9.37 -2.60 6.67
CA MET A 192 -9.30 -1.75 5.48
C MET A 192 -7.90 -1.22 5.22
N THR A 193 -7.19 -0.86 6.26
CA THR A 193 -5.80 -0.50 6.06
C THR A 193 -4.97 -1.72 5.75
N LEU A 194 -5.64 -2.87 5.73
CA LEU A 194 -5.01 -4.17 5.52
C LEU A 194 -3.94 -4.56 6.54
N ASP A 195 -3.97 -3.99 7.74
CA ASP A 195 -2.83 -4.11 8.65
C ASP A 195 -2.90 -5.34 9.54
N ASP A 196 -2.08 -6.33 9.20
CA ASP A 196 -2.05 -7.60 9.91
C ASP A 196 -3.45 -8.14 10.01
N TRP A 197 -4.13 -8.23 8.88
CA TRP A 197 -5.57 -8.52 8.85
C TRP A 197 -5.84 -10.06 8.86
N SER A 198 -5.02 -10.81 8.18
CA SER A 198 -5.21 -12.27 8.08
C SER A 198 -4.72 -13.04 9.29
N ASN A 199 -3.42 -12.96 9.58
CA ASN A 199 -2.84 -13.66 10.72
C ASN A 199 -3.39 -12.98 11.96
N GLY A 200 -3.76 -11.72 11.83
CA GLY A 200 -4.23 -11.01 12.98
C GLY A 200 -5.72 -10.94 13.29
N ILE A 201 -6.58 -11.12 12.32
CA ILE A 201 -8.01 -11.04 12.61
C ILE A 201 -8.83 -12.16 12.02
N VAL A 202 -8.58 -12.47 10.79
CA VAL A 202 -9.49 -13.39 10.13
C VAL A 202 -9.16 -14.88 10.50
N ARG A 203 -7.88 -15.24 10.57
CA ARG A 203 -7.47 -16.62 10.88
C ARG A 203 -7.96 -17.04 12.25
N PRO A 204 -7.76 -16.20 13.29
CA PRO A 204 -8.44 -16.47 14.54
C PRO A 204 -9.91 -16.59 14.37
N LEU A 205 -10.62 -15.62 13.78
CA LEU A 205 -12.05 -15.81 13.60
C LEU A 205 -12.36 -17.17 13.00
N MET A 206 -11.58 -17.55 12.01
CA MET A 206 -11.86 -18.75 11.29
C MET A 206 -11.67 -20.02 12.09
N GLU A 207 -10.99 -19.94 13.24
CA GLU A 207 -10.97 -21.15 14.08
C GLU A 207 -12.37 -21.40 14.68
N VAL A 208 -13.13 -20.36 14.95
CA VAL A 208 -14.48 -20.48 15.47
C VAL A 208 -15.59 -20.50 14.40
N TYR A 209 -15.42 -19.66 13.39
CA TYR A 209 -16.39 -19.50 12.35
C TYR A 209 -15.65 -19.73 11.04
N PRO A 210 -15.60 -20.98 10.61
CA PRO A 210 -14.77 -21.30 9.44
C PRO A 210 -15.07 -20.48 8.21
N TYR A 211 -16.25 -19.94 8.06
CA TYR A 211 -16.51 -19.23 6.82
C TYR A 211 -16.32 -17.74 6.91
N ALA A 212 -15.72 -17.23 7.97
CA ALA A 212 -15.59 -15.78 8.13
C ALA A 212 -14.89 -15.15 6.92
N TRP A 213 -14.17 -15.93 6.12
CA TRP A 213 -13.50 -15.36 4.93
C TRP A 213 -14.49 -14.92 3.86
N VAL A 214 -15.69 -15.51 3.92
CA VAL A 214 -16.77 -15.19 2.99
C VAL A 214 -17.26 -13.81 3.32
N PHE A 215 -16.96 -13.32 4.51
CA PHE A 215 -17.20 -11.91 4.84
C PHE A 215 -16.05 -10.98 4.47
N PHE A 216 -14.86 -11.27 4.96
CA PHE A 216 -13.81 -10.25 4.90
C PHE A 216 -13.24 -10.12 3.51
N ILE A 217 -13.21 -11.21 2.78
CA ILE A 217 -12.58 -11.16 1.51
C ILE A 217 -13.39 -10.29 0.57
N PRO A 218 -14.73 -10.50 0.49
CA PRO A 218 -15.47 -9.51 -0.30
C PRO A 218 -15.30 -8.09 0.25
N PHE A 219 -15.49 -7.91 1.55
CA PHE A 219 -15.36 -6.62 2.18
C PHE A 219 -14.08 -5.87 1.81
N ILE A 220 -13.00 -6.62 1.75
CA ILE A 220 -11.74 -5.99 1.48
C ILE A 220 -11.80 -5.49 0.06
N PHE A 221 -12.34 -6.32 -0.83
CA PHE A 221 -12.49 -5.97 -2.25
C PHE A 221 -13.19 -4.66 -2.46
N VAL A 222 -14.40 -4.57 -1.90
CA VAL A 222 -15.24 -3.40 -2.11
C VAL A 222 -14.49 -2.21 -1.64
N VAL A 223 -14.00 -2.31 -0.40
CA VAL A 223 -13.29 -1.27 0.22
C VAL A 223 -12.01 -0.99 -0.54
N THR A 224 -11.36 -2.00 -1.08
CA THR A 224 -10.12 -1.73 -1.84
C THR A 224 -10.48 -1.06 -3.19
N PHE A 225 -11.41 -1.66 -3.92
CA PHE A 225 -11.83 -1.23 -5.25
C PHE A 225 -12.19 0.26 -5.25
N VAL A 226 -13.03 0.68 -4.30
CA VAL A 226 -13.55 2.03 -4.26
C VAL A 226 -12.44 3.04 -4.09
N MET A 227 -11.57 2.80 -3.13
CA MET A 227 -10.45 3.67 -2.90
C MET A 227 -9.67 3.85 -4.19
N ILE A 228 -9.48 2.78 -4.96
CA ILE A 228 -8.65 2.86 -6.16
C ILE A 228 -9.23 3.79 -7.18
N ASN A 229 -10.52 3.65 -7.43
CA ASN A 229 -11.15 4.48 -8.43
C ASN A 229 -11.25 5.91 -7.94
N LEU A 230 -11.40 6.09 -6.62
CA LEU A 230 -11.44 7.41 -6.00
C LEU A 230 -10.16 8.18 -6.28
N VAL A 231 -9.03 7.52 -6.07
CA VAL A 231 -7.73 8.07 -6.44
C VAL A 231 -7.73 8.45 -7.94
N VAL A 232 -8.25 7.58 -8.82
CA VAL A 232 -8.33 7.90 -10.26
C VAL A 232 -9.09 9.21 -10.64
N ALA A 233 -10.30 9.39 -10.12
CA ALA A 233 -11.11 10.58 -10.45
C ALA A 233 -10.40 11.86 -10.01
N ILE A 234 -9.65 11.74 -8.94
CA ILE A 234 -8.83 12.82 -8.42
C ILE A 234 -7.73 13.15 -9.44
N ILE A 235 -7.04 12.11 -9.91
CA ILE A 235 -5.90 12.20 -10.85
C ILE A 235 -6.19 12.86 -12.21
N VAL A 236 -7.32 12.52 -12.82
CA VAL A 236 -7.65 13.07 -14.15
C VAL A 236 -7.70 14.60 -14.03
N ASP A 237 -8.32 15.11 -12.95
CA ASP A 237 -8.36 16.56 -12.70
C ASP A 237 -6.96 17.07 -12.35
N MET B 19 0.62 -34.31 -48.39
CA MET B 19 0.55 -34.45 -46.91
C MET B 19 0.44 -33.11 -46.19
N TYR B 20 1.10 -32.06 -46.69
CA TYR B 20 1.16 -30.79 -45.99
C TYR B 20 -0.22 -30.20 -45.61
N LEU B 21 -1.02 -29.84 -46.60
CA LEU B 21 -2.24 -29.09 -46.34
C LEU B 21 -3.28 -29.85 -45.52
N ARG B 22 -3.42 -31.14 -45.78
CA ARG B 22 -4.46 -31.93 -45.09
C ARG B 22 -4.21 -31.80 -43.60
N ILE B 23 -2.96 -32.03 -43.16
CA ILE B 23 -2.63 -31.78 -41.79
C ILE B 23 -2.80 -30.25 -41.57
N THR B 24 -2.28 -29.40 -42.47
CA THR B 24 -2.41 -27.92 -42.37
C THR B 24 -3.88 -27.51 -42.19
N ASN B 25 -4.78 -28.24 -42.88
CA ASN B 25 -6.21 -28.00 -42.89
C ASN B 25 -6.77 -28.41 -41.52
N ILE B 26 -6.02 -29.26 -40.81
CA ILE B 26 -6.34 -29.66 -39.42
C ILE B 26 -6.00 -28.56 -38.39
N VAL B 27 -4.76 -28.10 -38.38
CA VAL B 27 -4.27 -27.19 -37.34
C VAL B 27 -4.80 -25.74 -37.32
N GLU B 28 -5.20 -25.22 -38.47
CA GLU B 28 -5.74 -23.87 -38.44
C GLU B 28 -7.23 -23.96 -38.24
N SER B 29 -7.74 -25.18 -38.16
CA SER B 29 -9.17 -25.36 -38.05
C SER B 29 -9.65 -24.98 -36.68
N SER B 30 -10.87 -24.48 -36.62
CA SER B 30 -11.47 -24.14 -35.33
C SER B 30 -11.64 -25.36 -34.42
N PHE B 31 -11.75 -26.56 -34.99
CA PHE B 31 -11.91 -27.75 -34.17
C PHE B 31 -10.64 -28.06 -33.41
N PHE B 32 -9.50 -27.91 -34.09
CA PHE B 32 -8.22 -28.31 -33.50
C PHE B 32 -7.89 -27.49 -32.27
N THR B 33 -7.86 -26.19 -32.43
CA THR B 33 -7.53 -25.30 -31.35
C THR B 33 -8.56 -25.49 -30.22
N LYS B 34 -9.86 -25.46 -30.56
CA LYS B 34 -10.93 -25.63 -29.57
C LYS B 34 -10.86 -26.97 -28.85
N PHE B 35 -10.44 -27.99 -29.59
CA PHE B 35 -10.28 -29.30 -28.99
C PHE B 35 -9.22 -29.09 -27.93
N ILE B 36 -8.14 -28.42 -28.30
CA ILE B 36 -7.06 -28.19 -27.38
C ILE B 36 -7.46 -27.24 -26.29
N ILE B 37 -8.33 -26.29 -26.59
CA ILE B 37 -8.84 -25.45 -25.53
C ILE B 37 -9.73 -26.11 -24.52
N TYR B 38 -10.67 -26.91 -24.98
CA TYR B 38 -11.58 -27.62 -24.07
C TYR B 38 -10.77 -28.62 -23.19
N LEU B 39 -9.69 -29.15 -23.75
CA LEU B 39 -8.80 -30.05 -22.99
C LEU B 39 -8.01 -29.35 -21.87
N ILE B 40 -7.65 -28.09 -22.11
CA ILE B 40 -7.01 -27.26 -21.09
C ILE B 40 -7.99 -27.07 -19.95
N VAL B 41 -9.18 -26.59 -20.27
CA VAL B 41 -10.20 -26.34 -19.27
C VAL B 41 -10.58 -27.61 -18.54
N LEU B 42 -10.69 -28.71 -19.26
CA LEU B 42 -11.01 -29.95 -18.57
C LEU B 42 -9.87 -30.29 -17.64
N ASN B 43 -8.65 -30.21 -18.15
CA ASN B 43 -7.50 -30.45 -17.32
C ASN B 43 -7.40 -29.44 -16.16
N GLY B 44 -7.82 -28.20 -16.39
CA GLY B 44 -7.78 -27.21 -15.35
C GLY B 44 -8.71 -27.66 -14.25
N ILE B 45 -9.85 -28.21 -14.61
CA ILE B 45 -10.77 -28.79 -13.64
C ILE B 45 -10.20 -30.06 -13.02
N THR B 46 -9.61 -30.93 -13.82
CA THR B 46 -9.06 -32.20 -13.30
C THR B 46 -7.96 -31.95 -12.33
N MET B 47 -7.24 -30.87 -12.54
CA MET B 47 -6.11 -30.54 -11.68
C MET B 47 -6.49 -30.03 -10.31
N GLY B 48 -7.63 -29.37 -10.21
CA GLY B 48 -8.22 -29.00 -8.92
C GLY B 48 -8.55 -30.20 -8.05
N LEU B 49 -9.09 -31.24 -8.68
CA LEU B 49 -9.45 -32.45 -7.99
C LEU B 49 -8.22 -33.13 -7.45
N GLU B 50 -7.13 -33.05 -8.20
CA GLU B 50 -5.91 -33.76 -7.83
C GLU B 50 -5.29 -33.25 -6.53
N THR B 51 -5.85 -32.15 -6.02
CA THR B 51 -5.37 -31.46 -4.82
C THR B 51 -5.78 -32.14 -3.52
N SER B 52 -6.99 -32.70 -3.56
CA SER B 52 -7.54 -33.41 -2.42
C SER B 52 -6.90 -34.78 -2.35
N LYS B 53 -6.43 -35.16 -1.18
CA LYS B 53 -5.89 -36.48 -0.93
C LYS B 53 -7.05 -37.47 -1.02
N THR B 54 -8.21 -37.08 -0.50
CA THR B 54 -9.43 -37.86 -0.61
C THR B 54 -9.77 -38.30 -2.05
N PHE B 55 -9.98 -37.34 -2.95
CA PHE B 55 -10.24 -37.65 -4.38
C PHE B 55 -9.16 -38.56 -4.95
N MET B 56 -7.90 -38.17 -4.75
CA MET B 56 -6.75 -38.87 -5.32
C MET B 56 -6.72 -40.30 -4.81
N GLN B 57 -7.28 -40.50 -3.63
CA GLN B 57 -7.32 -41.78 -2.96
C GLN B 57 -8.16 -42.79 -3.74
N SER B 58 -9.38 -42.38 -4.09
CA SER B 58 -10.36 -43.27 -4.72
C SER B 58 -10.62 -42.93 -6.19
N PHE B 59 -9.88 -42.00 -6.81
CA PHE B 59 -10.04 -41.70 -8.24
C PHE B 59 -8.70 -41.30 -8.87
N GLY B 60 -7.60 -41.52 -8.15
CA GLY B 60 -6.30 -41.03 -8.57
C GLY B 60 -5.85 -41.61 -9.89
N VAL B 61 -6.07 -42.91 -10.06
CA VAL B 61 -5.61 -43.56 -11.26
C VAL B 61 -6.45 -43.07 -12.45
N TYR B 62 -7.71 -42.68 -12.19
CA TYR B 62 -8.64 -42.12 -13.23
C TYR B 62 -8.12 -40.85 -13.94
N THR B 63 -7.46 -39.98 -13.18
CA THR B 63 -7.07 -38.67 -13.68
C THR B 63 -5.59 -38.62 -13.97
N THR B 64 -4.85 -39.59 -13.45
CA THR B 64 -3.44 -39.70 -13.77
C THR B 64 -3.31 -40.05 -15.24
N LEU B 65 -4.28 -40.82 -15.72
CA LEU B 65 -4.33 -41.17 -17.12
C LEU B 65 -4.82 -40.01 -18.00
N PHE B 66 -5.87 -39.32 -17.56
CA PHE B 66 -6.38 -38.18 -18.33
C PHE B 66 -5.33 -37.12 -18.57
N ASN B 67 -4.48 -36.87 -17.57
CA ASN B 67 -3.40 -35.92 -17.74
C ASN B 67 -2.49 -36.40 -18.88
N GLN B 68 -2.24 -37.71 -18.91
CA GLN B 68 -1.38 -38.31 -19.93
C GLN B 68 -1.88 -38.19 -21.37
N ILE B 69 -3.17 -38.39 -21.55
CA ILE B 69 -3.74 -38.22 -22.88
C ILE B 69 -3.47 -36.78 -23.31
N VAL B 70 -3.88 -35.83 -22.47
CA VAL B 70 -3.73 -34.42 -22.79
C VAL B 70 -2.27 -34.11 -23.07
N ILE B 71 -1.34 -34.62 -22.26
CA ILE B 71 0.09 -34.32 -22.53
C ILE B 71 0.45 -34.78 -23.94
N THR B 72 -0.07 -35.94 -24.33
CA THR B 72 0.24 -36.49 -25.64
C THR B 72 -0.38 -35.60 -26.71
N ILE B 73 -1.66 -35.30 -26.53
CA ILE B 73 -2.43 -34.46 -27.43
C ILE B 73 -1.79 -33.08 -27.61
N PHE B 74 -1.31 -32.49 -26.52
CA PHE B 74 -0.61 -31.22 -26.64
C PHE B 74 0.67 -31.39 -27.47
N THR B 75 1.34 -32.53 -27.32
CA THR B 75 2.60 -32.84 -28.01
C THR B 75 2.36 -33.06 -29.47
N ILE B 76 1.32 -33.79 -29.79
CA ILE B 76 0.94 -33.99 -31.16
C ILE B 76 0.69 -32.60 -31.73
N GLU B 77 -0.04 -31.79 -30.98
CA GLU B 77 -0.40 -30.45 -31.38
C GLU B 77 0.82 -29.58 -31.69
N ILE B 78 1.84 -29.67 -30.86
CA ILE B 78 3.05 -28.85 -31.07
C ILE B 78 3.81 -29.30 -32.32
N ILE B 79 3.86 -30.62 -32.53
CA ILE B 79 4.54 -31.16 -33.70
C ILE B 79 3.86 -30.71 -34.99
N LEU B 80 2.54 -30.85 -35.03
CA LEU B 80 1.74 -30.39 -36.18
C LEU B 80 1.95 -28.92 -36.57
N ARG B 81 1.86 -28.02 -35.60
CA ARG B 81 2.02 -26.58 -35.86
C ARG B 81 3.40 -26.31 -36.43
N ILE B 82 4.36 -27.16 -36.05
CA ILE B 82 5.74 -27.13 -36.56
C ILE B 82 5.88 -27.63 -38.01
N TYR B 83 5.21 -28.73 -38.36
CA TYR B 83 5.23 -29.24 -39.75
C TYR B 83 4.69 -28.15 -40.65
N VAL B 84 3.62 -27.54 -40.18
CA VAL B 84 3.01 -26.41 -40.86
C VAL B 84 3.86 -25.15 -40.86
N HIS B 85 4.43 -24.80 -39.72
CA HIS B 85 5.09 -23.50 -39.57
C HIS B 85 6.60 -23.58 -39.69
N ARG B 86 7.20 -24.58 -39.07
CA ARG B 86 8.66 -24.66 -39.01
C ARG B 86 9.21 -23.35 -38.46
N ILE B 87 10.05 -22.66 -39.20
CA ILE B 87 10.75 -21.52 -38.65
C ILE B 87 9.79 -20.49 -38.08
N SER B 88 8.64 -20.35 -38.73
CA SER B 88 7.69 -19.35 -38.26
C SER B 88 7.33 -19.64 -36.81
N PHE B 89 7.27 -20.91 -36.47
CA PHE B 89 6.80 -21.34 -35.15
C PHE B 89 7.70 -20.87 -34.03
N PHE B 90 9.00 -20.96 -34.26
CA PHE B 90 9.97 -20.77 -33.20
C PHE B 90 10.47 -19.34 -33.12
N LYS B 91 9.78 -18.43 -33.79
CA LYS B 91 9.98 -17.00 -33.59
C LYS B 91 8.67 -16.40 -33.10
N ASP B 92 7.74 -17.25 -32.66
CA ASP B 92 6.50 -16.81 -32.02
C ASP B 92 6.57 -17.03 -30.50
N PRO B 93 6.51 -15.94 -29.72
CA PRO B 93 6.65 -16.12 -28.29
C PRO B 93 5.57 -17.02 -27.69
N TRP B 94 4.33 -16.91 -28.14
CA TRP B 94 3.24 -17.65 -27.53
C TRP B 94 3.36 -19.13 -27.88
N SER B 95 3.94 -19.41 -29.04
CA SER B 95 4.12 -20.79 -29.50
C SER B 95 5.36 -21.38 -28.83
N LEU B 96 6.39 -20.56 -28.68
CA LEU B 96 7.58 -20.94 -27.93
C LEU B 96 7.28 -21.33 -26.46
N PHE B 97 6.46 -20.52 -25.80
CA PHE B 97 6.02 -20.80 -24.44
C PHE B 97 5.37 -22.17 -24.42
N ASP B 98 4.38 -22.34 -25.30
CA ASP B 98 3.66 -23.59 -25.40
C ASP B 98 4.66 -24.73 -25.59
N PHE B 99 5.60 -24.53 -26.50
CA PHE B 99 6.63 -25.51 -26.71
C PHE B 99 7.23 -25.82 -25.36
N PHE B 100 7.75 -24.78 -24.70
CA PHE B 100 8.48 -24.97 -23.45
C PHE B 100 7.56 -25.43 -22.34
N VAL B 101 6.34 -24.95 -22.31
CA VAL B 101 5.44 -25.37 -21.25
C VAL B 101 4.90 -26.76 -21.54
N VAL B 102 5.02 -27.22 -22.77
CA VAL B 102 4.65 -28.59 -23.06
C VAL B 102 5.86 -29.50 -22.80
N ALA B 103 7.03 -29.08 -23.24
CA ALA B 103 8.28 -29.82 -23.08
C ALA B 103 8.56 -30.14 -21.63
N ILE B 104 8.54 -29.13 -20.76
CA ILE B 104 8.76 -29.30 -19.32
C ILE B 104 7.82 -30.39 -18.77
N SER B 105 6.55 -30.36 -19.22
CA SER B 105 5.48 -31.29 -18.79
C SER B 105 5.74 -32.70 -19.32
N LEU B 106 6.80 -32.83 -20.11
CA LEU B 106 7.19 -34.05 -20.78
C LEU B 106 8.21 -34.80 -19.97
N VAL B 107 8.75 -34.11 -18.96
CA VAL B 107 9.76 -34.69 -18.09
C VAL B 107 9.08 -35.62 -17.06
N PRO B 108 9.72 -36.79 -16.73
CA PRO B 108 9.05 -37.78 -15.85
C PRO B 108 8.84 -37.40 -14.37
N THR B 109 7.61 -37.70 -13.93
CA THR B 109 7.08 -37.39 -12.61
C THR B 109 7.73 -38.14 -11.44
N SER B 110 7.44 -39.45 -11.41
CA SER B 110 7.45 -40.23 -10.17
C SER B 110 8.75 -40.21 -9.40
N SER B 111 9.86 -40.53 -10.06
CA SER B 111 11.12 -40.69 -9.35
C SER B 111 12.23 -39.78 -9.87
N GLY B 112 13.32 -39.73 -9.11
CA GLY B 112 14.47 -38.89 -9.45
C GLY B 112 14.20 -37.46 -9.04
N PHE B 113 13.99 -36.59 -10.02
CA PHE B 113 13.78 -35.16 -9.75
C PHE B 113 12.28 -34.92 -9.44
N GLU B 114 11.98 -34.27 -8.31
CA GLU B 114 10.58 -34.05 -7.87
C GLU B 114 9.89 -32.72 -8.12
N ILE B 115 10.62 -31.62 -8.18
CA ILE B 115 10.02 -30.28 -8.42
C ILE B 115 9.44 -30.06 -9.84
N LEU B 116 9.95 -30.75 -10.85
CA LEU B 116 9.50 -30.53 -12.22
C LEU B 116 8.08 -31.09 -12.27
N ARG B 117 7.81 -32.09 -11.44
CA ARG B 117 6.49 -32.69 -11.36
C ARG B 117 5.46 -31.63 -11.03
N VAL B 118 5.89 -30.63 -10.28
CA VAL B 118 5.03 -29.55 -9.85
C VAL B 118 4.87 -28.44 -10.91
N LEU B 119 5.91 -28.22 -11.70
CA LEU B 119 5.86 -27.27 -12.83
C LEU B 119 4.80 -27.59 -13.92
N ARG B 120 4.34 -28.84 -13.93
CA ARG B 120 3.33 -29.25 -14.87
C ARG B 120 2.09 -28.33 -14.95
N VAL B 121 1.53 -27.93 -13.80
CA VAL B 121 0.30 -27.14 -13.81
C VAL B 121 0.52 -25.80 -14.48
N LEU B 122 1.78 -25.50 -14.79
CA LEU B 122 2.11 -24.39 -15.66
C LEU B 122 1.40 -24.56 -17.02
N ARG B 123 1.06 -25.79 -17.34
CA ARG B 123 0.41 -26.05 -18.60
C ARG B 123 -0.96 -25.41 -18.61
N LEU B 124 -1.45 -24.95 -17.47
CA LEU B 124 -2.75 -24.25 -17.47
C LEU B 124 -2.57 -22.85 -17.98
N PHE B 125 -1.32 -22.41 -18.16
CA PHE B 125 -1.05 -21.12 -18.82
C PHE B 125 -1.24 -21.19 -20.35
N ARG B 126 -1.43 -22.40 -20.88
CA ARG B 126 -1.78 -22.59 -22.28
C ARG B 126 -3.13 -21.96 -22.59
N LEU B 127 -3.96 -21.82 -21.56
CA LEU B 127 -5.19 -21.06 -21.66
C LEU B 127 -4.93 -19.62 -22.06
N VAL B 128 -3.80 -19.09 -21.62
CA VAL B 128 -3.40 -17.75 -22.02
C VAL B 128 -3.00 -17.73 -23.50
N THR B 129 -2.19 -18.69 -23.93
CA THR B 129 -1.67 -18.68 -25.30
C THR B 129 -2.71 -18.98 -26.34
N ALA B 130 -3.75 -19.71 -25.96
CA ALA B 130 -4.70 -20.24 -26.93
C ALA B 130 -5.93 -19.38 -27.03
N VAL B 131 -6.07 -18.43 -26.13
CA VAL B 131 -7.19 -17.55 -26.15
C VAL B 131 -6.79 -16.11 -26.39
N PRO B 132 -7.19 -15.56 -27.54
CA PRO B 132 -6.72 -14.25 -28.04
C PRO B 132 -6.87 -13.02 -27.13
N GLN B 133 -7.92 -12.91 -26.31
CA GLN B 133 -8.02 -11.76 -25.37
C GLN B 133 -6.94 -11.71 -24.28
N MET B 134 -6.53 -12.88 -23.83
CA MET B 134 -5.43 -13.06 -22.87
C MET B 134 -4.05 -12.60 -23.39
N ARG B 135 -3.64 -13.12 -24.55
CA ARG B 135 -2.40 -12.67 -25.13
C ARG B 135 -2.30 -11.15 -25.20
N LYS B 136 -3.41 -10.49 -25.54
CA LYS B 136 -3.40 -9.04 -25.80
C LYS B 136 -3.15 -8.30 -24.50
N ILE B 137 -3.81 -8.77 -23.44
CA ILE B 137 -3.66 -8.21 -22.10
C ILE B 137 -2.25 -8.51 -21.58
N VAL B 138 -1.76 -9.74 -21.73
CA VAL B 138 -0.40 -10.06 -21.32
C VAL B 138 0.59 -9.17 -22.08
N SER B 139 0.38 -9.08 -23.39
CA SER B 139 1.20 -8.26 -24.29
C SER B 139 1.12 -6.77 -23.97
N ALA B 140 -0.09 -6.28 -23.67
CA ALA B 140 -0.25 -4.90 -23.22
C ALA B 140 0.61 -4.68 -21.99
N LEU B 141 0.48 -5.62 -21.05
CA LEU B 141 1.22 -5.68 -19.77
C LEU B 141 2.73 -5.72 -19.95
N ILE B 142 3.18 -6.62 -20.81
CA ILE B 142 4.62 -6.77 -21.09
C ILE B 142 5.17 -5.48 -21.69
N SER B 143 4.35 -4.85 -22.50
CA SER B 143 4.74 -3.67 -23.27
C SER B 143 5.22 -2.52 -22.42
N VAL B 144 4.70 -2.50 -21.19
CA VAL B 144 5.13 -1.57 -20.14
C VAL B 144 6.58 -1.80 -19.71
N ILE B 145 7.09 -3.02 -19.84
CA ILE B 145 8.36 -3.36 -19.24
C ILE B 145 9.53 -2.61 -19.80
N PRO B 146 9.65 -2.55 -21.14
CA PRO B 146 10.82 -1.85 -21.67
C PRO B 146 10.99 -0.42 -21.12
N GLY B 147 9.88 0.32 -20.99
CA GLY B 147 9.94 1.64 -20.39
C GLY B 147 10.62 1.67 -19.03
N MET B 148 10.48 0.62 -18.24
CA MET B 148 10.99 0.65 -16.86
C MET B 148 12.36 0.00 -16.60
N LEU B 149 12.94 -0.71 -17.57
CA LEU B 149 14.23 -1.45 -17.38
C LEU B 149 15.41 -0.65 -16.89
N SER B 150 15.43 0.63 -17.21
CA SER B 150 16.49 1.48 -16.73
C SER B 150 16.30 1.65 -15.23
N VAL B 151 15.03 1.84 -14.84
CA VAL B 151 14.69 2.03 -13.44
C VAL B 151 15.03 0.77 -12.67
N ILE B 152 14.61 -0.36 -13.24
CA ILE B 152 14.85 -1.70 -12.74
C ILE B 152 16.31 -2.06 -12.59
N ALA B 153 17.15 -1.59 -13.51
CA ALA B 153 18.56 -1.87 -13.43
C ALA B 153 19.09 -1.12 -12.25
N LEU B 154 18.64 0.14 -12.16
CA LEU B 154 19.00 1.05 -11.09
C LEU B 154 18.68 0.43 -9.76
N MET B 155 17.47 -0.13 -9.66
CA MET B 155 17.01 -0.74 -8.45
C MET B 155 17.93 -1.85 -8.09
N THR B 156 18.21 -2.77 -9.01
CA THR B 156 19.14 -3.87 -8.69
C THR B 156 20.55 -3.36 -8.32
N LEU B 157 21.01 -2.26 -8.91
CA LEU B 157 22.32 -1.78 -8.50
C LEU B 157 22.15 -1.30 -7.07
N PHE B 158 21.11 -0.49 -6.85
CA PHE B 158 20.80 0.10 -5.54
C PHE B 158 20.56 -0.95 -4.44
N PHE B 159 19.72 -1.94 -4.73
CA PHE B 159 19.50 -3.02 -3.81
C PHE B 159 20.84 -3.73 -3.49
N TYR B 160 21.64 -3.98 -4.52
CA TYR B 160 22.97 -4.65 -4.38
C TYR B 160 23.93 -3.89 -3.44
N ILE B 161 24.02 -2.59 -3.69
CA ILE B 161 24.91 -1.70 -2.94
C ILE B 161 24.47 -1.85 -1.51
N PHE B 162 23.17 -1.70 -1.31
CA PHE B 162 22.64 -1.83 0.03
C PHE B 162 22.78 -3.24 0.65
N ALA B 163 22.64 -4.29 -0.14
CA ALA B 163 22.80 -5.62 0.42
C ALA B 163 24.20 -5.73 0.98
N ILE B 164 25.17 -5.16 0.28
CA ILE B 164 26.54 -5.24 0.78
C ILE B 164 26.64 -4.53 2.13
N MET B 165 26.19 -3.27 2.20
CA MET B 165 26.29 -2.52 3.45
C MET B 165 25.55 -3.28 4.54
N ALA B 166 24.35 -3.74 4.24
CA ALA B 166 23.58 -4.47 5.24
C ALA B 166 24.27 -5.73 5.77
N THR B 167 24.76 -6.61 4.90
CA THR B 167 25.35 -7.84 5.38
C THR B 167 26.53 -7.56 6.32
N GLN B 168 27.32 -6.54 6.00
CA GLN B 168 28.44 -6.22 6.83
C GLN B 168 28.07 -5.39 8.05
N LEU B 169 27.03 -4.58 7.97
CA LEU B 169 26.70 -3.81 9.16
C LEU B 169 25.98 -4.68 10.19
N PHE B 170 25.07 -5.57 9.79
CA PHE B 170 24.14 -6.13 10.77
C PHE B 170 24.22 -7.62 10.83
N GLY B 171 25.00 -8.16 9.91
CA GLY B 171 25.00 -9.57 9.66
C GLY B 171 25.50 -10.28 10.83
N GLU B 172 26.32 -9.64 11.66
CA GLU B 172 26.94 -10.30 12.81
C GLU B 172 25.99 -10.64 13.95
N ARG B 173 25.18 -9.67 14.35
CA ARG B 173 24.23 -9.86 15.48
C ARG B 173 22.89 -10.33 15.04
N PHE B 174 22.66 -10.21 13.75
CA PHE B 174 21.39 -10.61 13.21
C PHE B 174 21.70 -11.44 11.97
N PRO B 175 22.28 -12.65 12.15
CA PRO B 175 22.68 -13.44 11.01
C PRO B 175 21.49 -13.78 10.19
N GLU B 176 20.33 -14.02 10.81
CA GLU B 176 19.15 -14.45 10.05
C GLU B 176 18.74 -13.44 9.02
N TRP B 177 18.76 -12.19 9.42
CA TRP B 177 18.26 -11.09 8.56
C TRP B 177 19.27 -10.46 7.57
N PHE B 178 20.54 -10.57 7.88
CA PHE B 178 21.55 -9.85 7.14
C PHE B 178 22.84 -10.67 7.04
N GLY B 179 22.75 -11.94 7.42
CA GLY B 179 23.94 -12.78 7.60
C GLY B 179 24.71 -13.09 6.35
N THR B 180 24.06 -12.89 5.22
CA THR B 180 24.50 -13.40 3.93
C THR B 180 24.11 -12.32 2.94
N LEU B 181 24.83 -12.21 1.85
CA LEU B 181 24.46 -11.21 0.87
C LEU B 181 23.02 -11.47 0.50
N GLY B 182 22.71 -12.73 0.20
CA GLY B 182 21.37 -13.08 -0.20
C GLY B 182 20.30 -12.75 0.81
N GLU B 183 20.63 -12.89 2.08
CA GLU B 183 19.64 -12.64 3.12
C GLU B 183 19.33 -11.14 3.23
N SER B 184 20.35 -10.32 3.12
CA SER B 184 20.10 -8.91 3.26
C SER B 184 19.24 -8.39 2.09
N PHE B 185 19.48 -8.93 0.88
CA PHE B 185 18.62 -8.64 -0.26
C PHE B 185 17.18 -8.96 0.12
N TYR B 186 17.03 -10.19 0.61
CA TYR B 186 15.73 -10.67 1.05
C TYR B 186 15.11 -9.82 2.11
N THR B 187 15.82 -9.58 3.19
CA THR B 187 15.24 -8.79 4.28
C THR B 187 14.89 -7.39 3.71
N LEU B 188 15.81 -6.78 2.95
CA LEU B 188 15.59 -5.48 2.31
C LEU B 188 14.41 -5.48 1.37
N PHE B 189 14.24 -6.59 0.62
CA PHE B 189 13.11 -6.67 -0.26
C PHE B 189 11.81 -6.58 0.52
N GLN B 190 11.80 -7.30 1.66
CA GLN B 190 10.68 -7.27 2.65
C GLN B 190 10.37 -5.83 3.12
N VAL B 191 11.42 -5.09 3.41
CA VAL B 191 11.29 -3.72 3.87
C VAL B 191 10.65 -2.86 2.78
N MET B 192 11.00 -3.17 1.56
CA MET B 192 10.38 -2.42 0.48
C MET B 192 8.87 -2.75 0.45
N THR B 193 8.48 -4.01 0.68
CA THR B 193 7.08 -4.25 0.73
C THR B 193 6.55 -3.64 2.00
N LEU B 194 7.41 -2.99 2.75
CA LEU B 194 7.02 -2.47 4.04
C LEU B 194 6.43 -3.53 5.00
N ASP B 195 6.87 -4.78 4.86
CA ASP B 195 6.26 -5.90 5.60
C ASP B 195 6.82 -5.96 6.99
N ASP B 196 5.93 -5.79 7.95
CA ASP B 196 6.31 -5.96 9.35
C ASP B 196 7.68 -5.35 9.50
N TRP B 197 7.93 -4.23 8.88
CA TRP B 197 9.33 -3.80 8.77
C TRP B 197 9.85 -3.18 10.07
N SER B 198 9.02 -2.39 10.78
CA SER B 198 9.49 -1.61 11.98
C SER B 198 9.49 -2.36 13.34
N ASN B 199 8.32 -2.73 13.88
CA ASN B 199 8.27 -3.54 15.07
C ASN B 199 9.03 -4.81 14.73
N GLY B 200 9.04 -5.23 13.48
CA GLY B 200 9.58 -6.52 13.18
C GLY B 200 11.10 -6.65 12.98
N ILE B 201 11.73 -5.59 12.44
CA ILE B 201 13.16 -5.59 12.05
C ILE B 201 13.99 -4.39 12.59
N VAL B 202 13.51 -3.18 12.35
CA VAL B 202 14.36 -2.07 12.60
C VAL B 202 14.41 -1.76 14.09
N ARG B 203 13.25 -1.84 14.75
CA ARG B 203 13.18 -1.70 16.19
C ARG B 203 14.12 -2.69 16.87
N PRO B 204 14.03 -4.00 16.49
CA PRO B 204 15.01 -4.97 16.99
C PRO B 204 16.42 -4.59 16.68
N LEU B 205 16.70 -4.25 15.42
CA LEU B 205 18.05 -3.82 15.03
C LEU B 205 18.45 -2.66 15.93
N MET B 206 17.54 -1.76 16.23
CA MET B 206 17.89 -0.60 17.03
C MET B 206 18.24 -0.88 18.51
N GLU B 207 17.84 -2.05 19.00
CA GLU B 207 18.18 -2.39 20.36
C GLU B 207 19.70 -2.47 20.49
N VAL B 208 20.35 -2.94 19.43
CA VAL B 208 21.80 -3.08 19.37
C VAL B 208 22.53 -1.95 18.68
N TYR B 209 21.90 -1.45 17.62
CA TYR B 209 22.49 -0.46 16.76
C TYR B 209 21.43 0.64 16.61
N PRO B 210 21.43 1.60 17.56
CA PRO B 210 20.46 2.69 17.63
C PRO B 210 20.31 3.47 16.36
N TYR B 211 21.33 3.50 15.50
CA TYR B 211 21.27 4.34 14.33
C TYR B 211 20.83 3.60 13.12
N ALA B 212 20.34 2.40 13.30
CA ALA B 212 19.97 1.60 12.15
C ALA B 212 18.87 2.27 11.36
N TRP B 213 18.13 3.20 11.97
CA TRP B 213 17.09 3.93 11.21
C TRP B 213 17.65 4.82 10.09
N VAL B 214 18.96 5.09 10.15
CA VAL B 214 19.64 5.93 9.19
C VAL B 214 19.90 5.13 7.93
N PHE B 215 19.88 3.81 8.01
CA PHE B 215 19.96 2.93 6.83
C PHE B 215 18.56 2.75 6.33
N PHE B 216 17.65 2.41 7.22
CA PHE B 216 16.33 2.00 6.74
C PHE B 216 15.32 3.14 6.46
N ILE B 217 15.34 4.25 7.19
CA ILE B 217 14.32 5.22 6.86
C ILE B 217 14.59 5.89 5.50
N PRO B 218 15.85 6.35 5.24
CA PRO B 218 16.17 6.79 3.89
C PRO B 218 15.96 5.72 2.80
N PHE B 219 16.44 4.50 3.04
CA PHE B 219 16.23 3.40 2.11
C PHE B 219 14.75 3.34 1.77
N ILE B 220 13.91 3.50 2.79
CA ILE B 220 12.46 3.39 2.59
C ILE B 220 12.02 4.52 1.69
N PHE B 221 12.42 5.74 2.04
CA PHE B 221 11.99 6.90 1.29
C PHE B 221 12.33 6.73 -0.19
N VAL B 222 13.57 6.32 -0.46
CA VAL B 222 14.13 6.12 -1.80
C VAL B 222 13.44 5.00 -2.55
N VAL B 223 13.31 3.88 -1.88
CA VAL B 223 12.69 2.71 -2.43
C VAL B 223 11.26 3.05 -2.77
N THR B 224 10.60 3.88 -1.94
CA THR B 224 9.22 4.34 -2.17
C THR B 224 9.21 5.28 -3.35
N PHE B 225 10.13 6.25 -3.29
CA PHE B 225 10.30 7.29 -4.33
C PHE B 225 10.39 6.72 -5.76
N VAL B 226 11.27 5.74 -5.97
CA VAL B 226 11.55 5.16 -7.29
C VAL B 226 10.32 4.46 -7.84
N MET B 227 9.70 3.64 -7.01
CA MET B 227 8.53 2.92 -7.39
C MET B 227 7.43 3.88 -7.82
N ILE B 228 7.15 4.87 -6.99
CA ILE B 228 6.15 5.80 -7.31
C ILE B 228 6.50 6.30 -8.71
N ASN B 229 7.71 6.77 -8.90
CA ASN B 229 8.05 7.27 -10.20
C ASN B 229 7.95 6.24 -11.31
N LEU B 230 8.29 4.99 -11.05
CA LEU B 230 8.12 3.95 -12.08
C LEU B 230 6.68 3.89 -12.51
N VAL B 231 5.76 3.85 -11.58
CA VAL B 231 4.35 3.92 -11.94
C VAL B 231 4.02 5.22 -12.71
N VAL B 232 4.37 6.39 -12.18
CA VAL B 232 4.14 7.68 -12.87
C VAL B 232 4.79 7.62 -14.26
N ALA B 233 5.91 6.92 -14.36
CA ALA B 233 6.54 6.71 -15.66
C ALA B 233 5.58 5.93 -16.54
N ILE B 234 4.92 4.91 -16.00
CA ILE B 234 3.95 4.12 -16.78
C ILE B 234 2.82 5.01 -17.33
N ILE B 235 2.16 5.75 -16.43
CA ILE B 235 1.10 6.71 -16.78
C ILE B 235 1.59 7.66 -17.88
N VAL B 236 2.75 8.28 -17.70
CA VAL B 236 3.22 9.29 -18.66
C VAL B 236 3.51 8.60 -19.99
N ASP B 237 4.05 7.39 -19.90
CA ASP B 237 4.34 6.58 -21.08
C ASP B 237 3.06 6.05 -21.73
N MET C 19 51.14 19.98 -22.35
CA MET C 19 50.69 18.65 -21.87
C MET C 19 49.22 18.72 -21.56
N TYR C 20 48.68 19.95 -21.51
CA TYR C 20 47.26 20.19 -21.33
C TYR C 20 46.35 19.41 -22.27
N LEU C 21 46.61 19.52 -23.56
CA LEU C 21 45.84 18.78 -24.55
C LEU C 21 46.07 17.26 -24.49
N ARG C 22 47.29 16.87 -24.16
CA ARG C 22 47.70 15.47 -24.10
C ARG C 22 46.98 14.70 -22.98
N ILE C 23 46.94 15.30 -21.79
CA ILE C 23 46.16 14.76 -20.70
C ILE C 23 44.66 14.78 -21.10
N THR C 24 44.17 15.92 -21.56
CA THR C 24 42.76 16.09 -21.98
C THR C 24 42.28 14.98 -22.92
N ASN C 25 43.15 14.52 -23.80
CA ASN C 25 42.82 13.46 -24.76
C ASN C 25 42.79 12.10 -24.12
N ILE C 26 43.48 11.95 -22.99
CA ILE C 26 43.46 10.70 -22.21
C ILE C 26 42.12 10.46 -21.46
N VAL C 27 41.78 11.40 -20.59
CA VAL C 27 40.57 11.36 -19.77
C VAL C 27 39.31 11.15 -20.59
N GLU C 28 39.28 11.75 -21.77
CA GLU C 28 38.10 11.72 -22.64
C GLU C 28 38.05 10.50 -23.53
N SER C 29 39.02 9.59 -23.45
CA SER C 29 39.01 8.47 -24.38
C SER C 29 37.94 7.49 -24.00
N SER C 30 37.42 6.80 -24.99
CA SER C 30 36.43 5.80 -24.74
C SER C 30 36.97 4.57 -24.04
N PHE C 31 38.30 4.42 -23.96
CA PHE C 31 38.84 3.26 -23.28
C PHE C 31 39.11 3.51 -21.79
N PHE C 32 39.54 4.73 -21.45
CA PHE C 32 39.80 5.07 -20.04
C PHE C 32 38.53 4.91 -19.21
N THR C 33 37.44 5.57 -19.64
CA THR C 33 36.17 5.48 -18.94
C THR C 33 35.69 4.02 -18.94
N LYS C 34 35.80 3.35 -20.07
CA LYS C 34 35.40 1.95 -20.15
C LYS C 34 36.23 1.07 -19.25
N PHE C 35 37.51 1.41 -19.14
CA PHE C 35 38.43 0.68 -18.29
C PHE C 35 37.99 0.92 -16.85
N ILE C 36 37.74 2.19 -16.51
CA ILE C 36 37.34 2.56 -15.19
C ILE C 36 36.00 1.91 -14.89
N ILE C 37 35.06 1.97 -15.83
CA ILE C 37 33.76 1.31 -15.69
C ILE C 37 33.92 -0.19 -15.51
N TYR C 38 34.80 -0.78 -16.29
CA TYR C 38 35.11 -2.20 -16.19
C TYR C 38 35.63 -2.52 -14.78
N LEU C 39 36.52 -1.66 -14.30
CA LEU C 39 37.08 -1.80 -12.96
C LEU C 39 36.03 -1.71 -11.85
N ILE C 40 35.00 -0.88 -12.09
CA ILE C 40 33.90 -0.71 -11.14
C ILE C 40 33.17 -2.00 -11.08
N VAL C 41 32.89 -2.56 -12.26
CA VAL C 41 32.23 -3.80 -12.32
C VAL C 41 33.14 -4.80 -11.68
N LEU C 42 34.43 -4.64 -11.82
CA LEU C 42 35.30 -5.58 -11.14
C LEU C 42 35.30 -5.44 -9.61
N ASN C 43 35.42 -4.22 -9.11
CA ASN C 43 35.41 -4.01 -7.64
C ASN C 43 34.11 -4.45 -6.98
N GLY C 44 33.02 -4.19 -7.68
CA GLY C 44 31.69 -4.51 -7.25
C GLY C 44 31.53 -6.01 -7.14
N ILE C 45 32.14 -6.73 -8.08
CA ILE C 45 32.12 -8.19 -8.01
C ILE C 45 32.90 -8.65 -6.77
N THR C 46 34.03 -7.98 -6.49
CA THR C 46 34.85 -8.37 -5.32
C THR C 46 34.22 -8.02 -4.01
N MET C 47 33.53 -6.88 -3.98
CA MET C 47 32.92 -6.36 -2.76
C MET C 47 31.83 -7.29 -2.30
N GLY C 48 31.11 -7.85 -3.28
CA GLY C 48 30.15 -8.89 -3.04
C GLY C 48 30.88 -10.08 -2.50
N LEU C 49 31.96 -10.47 -3.17
CA LEU C 49 32.82 -11.55 -2.72
C LEU C 49 33.36 -11.42 -1.28
N GLU C 50 33.65 -10.19 -0.86
CA GLU C 50 34.17 -9.89 0.47
C GLU C 50 33.25 -10.24 1.60
N THR C 51 31.99 -10.49 1.27
CA THR C 51 30.98 -10.74 2.26
C THR C 51 31.05 -12.15 2.79
N SER C 52 31.56 -13.06 1.97
CA SER C 52 31.76 -14.43 2.47
C SER C 52 33.01 -14.50 3.31
N LYS C 53 32.84 -14.91 4.57
CA LYS C 53 33.98 -15.04 5.49
C LYS C 53 34.89 -16.24 5.15
N THR C 54 34.33 -17.26 4.51
CA THR C 54 35.11 -18.37 3.97
C THR C 54 36.10 -17.89 2.91
N PHE C 55 35.52 -17.31 1.87
CA PHE C 55 36.18 -16.71 0.73
C PHE C 55 37.33 -15.79 1.19
N MET C 56 37.12 -15.06 2.28
CA MET C 56 38.09 -14.10 2.80
C MET C 56 39.36 -14.83 3.23
N GLN C 57 39.19 -16.01 3.81
CA GLN C 57 40.33 -16.71 4.37
C GLN C 57 41.23 -17.10 3.22
N SER C 58 40.64 -17.62 2.15
CA SER C 58 41.44 -17.98 0.98
C SER C 58 42.02 -16.76 0.27
N PHE C 59 41.23 -15.72 0.10
CA PHE C 59 41.64 -14.58 -0.73
C PHE C 59 41.81 -13.26 -0.02
N GLY C 60 41.74 -13.28 1.30
CA GLY C 60 41.51 -12.06 2.03
C GLY C 60 42.52 -11.01 1.68
N VAL C 61 43.79 -11.37 1.69
CA VAL C 61 44.81 -10.44 1.26
C VAL C 61 44.64 -10.23 -0.24
N TYR C 62 44.37 -11.32 -0.94
CA TYR C 62 44.33 -11.31 -2.39
C TYR C 62 43.38 -10.20 -2.82
N THR C 63 42.25 -10.17 -2.16
CA THR C 63 41.30 -9.11 -2.40
C THR C 63 41.82 -7.79 -1.91
N THR C 64 42.37 -7.82 -0.71
CA THR C 64 42.70 -6.58 -0.01
C THR C 64 43.48 -5.59 -0.89
N LEU C 65 44.38 -6.12 -1.71
CA LEU C 65 45.15 -5.35 -2.71
C LEU C 65 44.37 -4.90 -3.95
N PHE C 66 43.53 -5.77 -4.52
CA PHE C 66 42.69 -5.34 -5.63
C PHE C 66 41.91 -4.11 -5.18
N ASN C 67 41.41 -4.13 -3.94
CA ASN C 67 40.76 -2.95 -3.36
C ASN C 67 41.65 -1.71 -3.39
N GLN C 68 42.90 -1.84 -2.97
CA GLN C 68 43.83 -0.71 -2.90
C GLN C 68 44.30 -0.31 -4.27
N ILE C 69 44.34 -1.26 -5.21
CA ILE C 69 44.68 -0.95 -6.61
C ILE C 69 43.59 -0.13 -7.27
N VAL C 70 42.36 -0.60 -7.11
CA VAL C 70 41.23 0.06 -7.68
C VAL C 70 41.03 1.44 -7.05
N ILE C 71 41.33 1.57 -5.76
CA ILE C 71 41.08 2.84 -5.09
C ILE C 71 42.09 3.88 -5.56
N THR C 72 43.27 3.39 -5.95
CA THR C 72 44.33 4.26 -6.50
C THR C 72 44.09 4.68 -7.95
N ILE C 73 43.86 3.69 -8.81
CA ILE C 73 43.51 3.92 -10.21
C ILE C 73 42.42 4.99 -10.31
N PHE C 74 41.42 4.86 -9.44
CA PHE C 74 40.32 5.81 -9.39
C PHE C 74 40.81 7.15 -8.91
N THR C 75 41.80 7.12 -8.01
CA THR C 75 42.32 8.36 -7.45
C THR C 75 43.06 9.09 -8.55
N ILE C 76 43.73 8.34 -9.42
CA ILE C 76 44.38 8.92 -10.60
C ILE C 76 43.35 9.62 -11.50
N GLU C 77 42.29 8.88 -11.80
CA GLU C 77 41.18 9.38 -12.58
C GLU C 77 40.62 10.71 -12.08
N ILE C 78 40.41 10.84 -10.78
CA ILE C 78 39.78 12.04 -10.25
C ILE C 78 40.72 13.20 -10.46
N ILE C 79 42.00 12.94 -10.25
CA ILE C 79 43.01 13.97 -10.42
C ILE C 79 43.10 14.44 -11.87
N LEU C 80 43.21 13.51 -12.81
CA LEU C 80 43.20 13.82 -14.27
C LEU C 80 42.02 14.67 -14.72
N ARG C 81 40.82 14.30 -14.27
CA ARG C 81 39.61 15.03 -14.66
C ARG C 81 39.54 16.47 -14.12
N ILE C 82 40.19 16.70 -12.98
CA ILE C 82 40.29 18.03 -12.33
C ILE C 82 41.26 19.00 -13.03
N TYR C 83 42.33 18.47 -13.59
CA TYR C 83 43.33 19.23 -14.34
C TYR C 83 42.68 19.85 -15.58
N VAL C 84 41.88 19.06 -16.28
CA VAL C 84 41.19 19.54 -17.46
C VAL C 84 40.17 20.62 -17.13
N HIS C 85 39.28 20.40 -16.17
CA HIS C 85 38.19 21.36 -15.93
C HIS C 85 38.40 22.50 -14.93
N ARG C 86 39.34 22.38 -13.99
CA ARG C 86 39.49 23.36 -12.91
C ARG C 86 38.09 23.69 -12.40
N ILE C 87 37.73 24.97 -12.44
CA ILE C 87 36.55 25.45 -11.79
C ILE C 87 35.30 24.81 -12.39
N SER C 88 35.34 24.37 -13.65
CA SER C 88 34.14 23.81 -14.23
C SER C 88 33.87 22.37 -13.73
N PHE C 89 34.87 21.73 -13.14
CA PHE C 89 34.71 20.39 -12.53
C PHE C 89 33.74 20.41 -11.37
N PHE C 90 33.86 21.45 -10.55
CA PHE C 90 33.13 21.58 -9.28
C PHE C 90 31.78 22.32 -9.40
N LYS C 91 31.31 22.55 -10.63
CA LYS C 91 29.94 23.01 -10.87
C LYS C 91 29.14 21.87 -11.51
N ASP C 92 29.75 20.70 -11.62
CA ASP C 92 29.07 19.53 -12.15
C ASP C 92 28.67 18.71 -10.93
N PRO C 93 27.36 18.69 -10.59
CA PRO C 93 26.88 17.97 -9.41
C PRO C 93 27.26 16.51 -9.45
N TRP C 94 27.23 15.95 -10.65
CA TRP C 94 27.54 14.55 -10.86
C TRP C 94 29.01 14.26 -10.61
N SER C 95 29.85 15.26 -10.88
CA SER C 95 31.30 15.11 -10.77
C SER C 95 31.75 15.31 -9.32
N LEU C 96 31.16 16.29 -8.66
CA LEU C 96 31.35 16.48 -7.22
C LEU C 96 31.09 15.20 -6.44
N PHE C 97 29.97 14.54 -6.76
CA PHE C 97 29.61 13.31 -6.09
C PHE C 97 30.73 12.31 -6.23
N ASP C 98 31.25 12.16 -7.46
CA ASP C 98 32.37 11.24 -7.73
C ASP C 98 33.58 11.55 -6.87
N PHE C 99 33.87 12.83 -6.73
CA PHE C 99 34.97 13.28 -5.86
C PHE C 99 34.66 12.82 -4.43
N PHE C 100 33.52 13.25 -3.88
CA PHE C 100 33.17 12.99 -2.48
C PHE C 100 33.05 11.50 -2.21
N VAL C 101 32.60 10.75 -3.20
CA VAL C 101 32.49 9.29 -3.04
C VAL C 101 33.81 8.55 -3.02
N VAL C 102 34.77 9.07 -3.76
CA VAL C 102 36.10 8.45 -3.79
C VAL C 102 36.88 8.90 -2.55
N ALA C 103 36.66 10.16 -2.18
CA ALA C 103 37.35 10.80 -1.05
C ALA C 103 37.17 10.10 0.26
N ILE C 104 35.93 9.94 0.68
CA ILE C 104 35.62 9.33 1.96
C ILE C 104 36.17 7.91 1.96
N SER C 105 36.39 7.33 0.76
CA SER C 105 37.01 6.02 0.62
C SER C 105 38.52 6.10 0.82
N LEU C 106 39.01 7.33 1.00
CA LEU C 106 40.42 7.59 1.27
C LEU C 106 40.74 7.70 2.77
N VAL C 107 39.77 7.94 3.65
CA VAL C 107 40.09 7.96 5.06
C VAL C 107 40.48 6.53 5.48
N PRO C 108 41.48 6.38 6.34
CA PRO C 108 42.11 5.07 6.60
C PRO C 108 41.25 4.08 7.36
N THR C 109 41.61 2.80 7.31
CA THR C 109 40.73 1.74 7.77
C THR C 109 40.80 1.72 9.28
N SER C 110 40.30 2.80 9.85
CA SER C 110 40.27 3.03 11.28
C SER C 110 40.17 4.54 11.46
N SER C 111 40.53 5.03 12.64
CA SER C 111 40.64 6.46 12.83
C SER C 111 39.39 7.30 12.53
N GLY C 112 38.38 7.14 13.37
CA GLY C 112 37.12 7.87 13.23
C GLY C 112 35.96 6.92 13.38
N PHE C 113 35.69 6.12 12.37
CA PHE C 113 34.81 4.99 12.57
C PHE C 113 34.91 3.86 11.54
N GLU C 114 34.85 2.63 12.04
CA GLU C 114 34.86 1.42 11.21
C GLU C 114 33.69 1.53 10.25
N ILE C 115 32.87 2.52 10.53
CA ILE C 115 31.74 2.90 9.73
C ILE C 115 32.11 3.46 8.35
N LEU C 116 33.20 4.24 8.26
CA LEU C 116 33.57 4.82 6.96
C LEU C 116 33.94 3.69 6.04
N ARG C 117 34.43 2.64 6.68
CA ARG C 117 34.80 1.42 6.03
C ARG C 117 33.58 0.76 5.45
N VAL C 118 32.42 1.08 5.98
CA VAL C 118 31.21 0.56 5.35
C VAL C 118 30.64 1.58 4.38
N LEU C 119 30.85 2.86 4.67
CA LEU C 119 30.44 3.88 3.73
C LEU C 119 31.06 3.83 2.35
N ARG C 120 32.31 3.36 2.25
CA ARG C 120 33.01 3.32 0.97
C ARG C 120 32.27 2.52 -0.12
N VAL C 121 31.41 1.58 0.25
CA VAL C 121 30.69 0.79 -0.74
C VAL C 121 29.90 1.72 -1.64
N LEU C 122 29.58 2.94 -1.16
CA LEU C 122 28.96 3.97 -2.01
C LEU C 122 29.63 4.28 -3.35
N ARG C 123 30.85 3.82 -3.58
CA ARG C 123 31.52 4.07 -4.85
C ARG C 123 30.93 3.19 -5.97
N LEU C 124 30.09 2.21 -5.65
CA LEU C 124 29.47 1.45 -6.72
C LEU C 124 28.35 2.26 -7.35
N PHE C 125 27.98 3.38 -6.73
CA PHE C 125 27.04 4.31 -7.32
C PHE C 125 27.72 5.01 -8.46
N ARG C 126 28.99 4.66 -8.70
CA ARG C 126 29.75 5.14 -9.87
C ARG C 126 29.35 4.53 -11.21
N LEU C 127 28.93 3.27 -11.18
CA LEU C 127 28.40 2.61 -12.35
C LEU C 127 27.23 3.43 -12.87
N VAL C 128 26.53 4.10 -11.95
CA VAL C 128 25.53 5.14 -12.27
C VAL C 128 26.23 6.36 -12.84
N THR C 129 27.32 6.76 -12.18
CA THR C 129 28.00 8.00 -12.51
C THR C 129 28.54 8.02 -13.92
N ALA C 130 28.88 6.84 -14.44
CA ALA C 130 29.72 6.75 -15.62
C ALA C 130 28.94 6.26 -16.82
N VAL C 131 27.74 5.79 -16.58
CA VAL C 131 26.89 5.39 -17.66
C VAL C 131 25.79 6.42 -17.87
N PRO C 132 25.81 7.06 -19.03
CA PRO C 132 24.91 8.17 -19.33
C PRO C 132 23.44 7.76 -19.27
N GLN C 133 23.09 6.56 -19.69
CA GLN C 133 21.65 6.19 -19.71
C GLN C 133 21.10 6.41 -18.29
N MET C 134 21.88 6.01 -17.28
CA MET C 134 21.53 6.15 -15.84
C MET C 134 21.40 7.59 -15.33
N ARG C 135 22.33 8.46 -15.72
CA ARG C 135 22.26 9.88 -15.33
C ARG C 135 20.92 10.53 -15.66
N LYS C 136 20.25 10.11 -16.74
CA LYS C 136 18.96 10.71 -17.17
C LYS C 136 17.82 10.23 -16.32
N ILE C 137 17.84 8.93 -16.04
CA ILE C 137 16.86 8.33 -15.17
C ILE C 137 16.93 8.99 -13.82
N VAL C 138 18.13 9.11 -13.27
CA VAL C 138 18.32 9.72 -11.96
C VAL C 138 17.82 11.17 -12.05
N SER C 139 18.28 11.84 -13.11
CA SER C 139 17.90 13.20 -13.42
C SER C 139 16.38 13.33 -13.59
N ALA C 140 15.79 12.41 -14.33
CA ALA C 140 14.34 12.40 -14.46
C ALA C 140 13.73 12.31 -13.07
N LEU C 141 14.29 11.42 -12.28
CA LEU C 141 13.86 11.23 -10.92
C LEU C 141 14.03 12.46 -10.05
N ILE C 142 15.21 13.06 -10.04
CA ILE C 142 15.45 14.24 -9.21
C ILE C 142 14.50 15.38 -9.54
N SER C 143 14.15 15.50 -10.79
CA SER C 143 13.34 16.62 -11.28
C SER C 143 11.91 16.69 -10.75
N VAL C 144 11.42 15.59 -10.22
CA VAL C 144 10.12 15.62 -9.61
C VAL C 144 10.13 16.36 -8.24
N ILE C 145 11.30 16.46 -7.63
CA ILE C 145 11.42 16.87 -6.21
C ILE C 145 11.08 18.31 -5.86
N PRO C 146 11.56 19.30 -6.64
CA PRO C 146 11.32 20.72 -6.36
C PRO C 146 9.85 21.15 -6.19
N GLY C 147 8.96 20.52 -6.95
CA GLY C 147 7.53 20.75 -6.81
C GLY C 147 7.06 20.24 -5.47
N MET C 148 7.71 19.18 -5.00
CA MET C 148 7.23 18.55 -3.81
C MET C 148 7.65 19.34 -2.56
N LEU C 149 8.76 20.08 -2.65
CA LEU C 149 9.35 20.74 -1.47
C LEU C 149 8.34 21.62 -0.73
N SER C 150 7.21 21.95 -1.33
CA SER C 150 6.22 22.74 -0.61
C SER C 150 5.34 21.82 0.18
N VAL C 151 4.88 20.75 -0.46
CA VAL C 151 4.12 19.71 0.19
C VAL C 151 4.95 18.96 1.24
N ILE C 152 6.23 18.75 0.94
CA ILE C 152 7.16 18.15 1.88
C ILE C 152 7.32 18.94 3.19
N ALA C 153 7.59 20.24 3.08
CA ALA C 153 7.73 21.13 4.23
C ALA C 153 6.49 21.08 5.14
N LEU C 154 5.31 21.18 4.52
CA LEU C 154 4.05 21.16 5.22
C LEU C 154 3.94 19.93 6.03
N MET C 155 4.34 18.79 5.46
CA MET C 155 4.29 17.49 6.14
C MET C 155 5.16 17.53 7.35
N THR C 156 6.38 18.05 7.18
CA THR C 156 7.25 18.19 8.31
C THR C 156 6.67 18.97 9.48
N LEU C 157 5.95 20.05 9.22
CA LEU C 157 5.32 20.74 10.35
C LEU C 157 4.33 19.84 11.12
N PHE C 158 3.43 19.18 10.39
CA PHE C 158 2.40 18.36 11.02
C PHE C 158 3.11 17.30 11.82
N PHE C 159 4.13 16.69 11.23
CA PHE C 159 4.93 15.75 11.95
C PHE C 159 5.55 16.35 13.20
N TYR C 160 6.07 17.56 13.09
CA TYR C 160 6.66 18.22 14.27
C TYR C 160 5.64 18.47 15.41
N ILE C 161 4.45 18.97 15.06
CA ILE C 161 3.41 19.25 16.05
C ILE C 161 2.91 17.98 16.71
N PHE C 162 2.69 16.95 15.92
CA PHE C 162 2.09 15.75 16.45
C PHE C 162 3.11 14.93 17.21
N ALA C 163 4.36 15.01 16.79
CA ALA C 163 5.37 14.32 17.52
C ALA C 163 5.45 14.90 18.96
N ILE C 164 5.30 16.22 19.08
CA ILE C 164 5.27 16.86 20.43
C ILE C 164 4.07 16.43 21.31
N MET C 165 2.88 16.49 20.74
CA MET C 165 1.68 16.09 21.47
C MET C 165 1.83 14.66 21.90
N ALA C 166 2.48 13.88 21.03
CA ALA C 166 2.64 12.47 21.28
C ALA C 166 3.61 12.23 22.42
N THR C 167 4.77 12.89 22.46
CA THR C 167 5.62 12.73 23.64
C THR C 167 4.88 13.07 24.93
N GLN C 168 4.09 14.15 24.94
CA GLN C 168 3.40 14.50 26.19
C GLN C 168 2.32 13.53 26.49
N LEU C 169 1.66 13.00 25.48
CA LEU C 169 0.49 12.15 25.76
C LEU C 169 0.80 10.68 26.14
N PHE C 170 1.91 10.18 25.59
CA PHE C 170 2.19 8.76 25.58
C PHE C 170 3.59 8.43 25.96
N GLY C 171 4.42 9.42 26.17
CA GLY C 171 5.76 9.11 26.51
C GLY C 171 6.01 8.59 27.90
N GLU C 172 5.09 8.80 28.84
CA GLU C 172 5.27 8.29 30.21
C GLU C 172 5.02 6.77 30.34
N ARG C 173 3.93 6.29 29.74
CA ARG C 173 3.52 4.90 29.91
C ARG C 173 4.02 4.07 28.74
N PHE C 174 4.41 4.74 27.68
CA PHE C 174 4.93 4.01 26.57
C PHE C 174 6.20 4.71 26.06
N PRO C 175 7.26 4.76 26.88
CA PRO C 175 8.46 5.43 26.48
C PRO C 175 9.18 4.89 25.23
N GLU C 176 9.14 3.60 24.95
CA GLU C 176 9.81 3.06 23.76
C GLU C 176 9.29 3.72 22.51
N TRP C 177 8.00 3.95 22.51
CA TRP C 177 7.31 4.50 21.33
C TRP C 177 7.23 6.03 21.16
N PHE C 178 7.21 6.71 22.30
CA PHE C 178 6.84 8.11 22.35
C PHE C 178 7.60 8.86 23.42
N GLY C 179 8.72 8.31 23.84
CA GLY C 179 9.47 8.85 24.98
C GLY C 179 10.10 10.18 24.70
N THR C 180 10.51 10.37 23.47
CA THR C 180 11.17 11.56 23.03
C THR C 180 10.63 11.94 21.68
N LEU C 181 10.90 13.16 21.26
CA LEU C 181 10.45 13.58 19.96
C LEU C 181 10.93 12.61 18.94
N GLY C 182 12.17 12.17 19.10
CA GLY C 182 12.72 11.25 18.15
C GLY C 182 11.86 10.01 18.10
N GLU C 183 11.53 9.54 19.29
CA GLU C 183 10.73 8.35 19.37
C GLU C 183 9.31 8.59 18.90
N SER C 184 8.77 9.75 19.24
CA SER C 184 7.44 10.04 18.82
C SER C 184 7.44 10.11 17.30
N PHE C 185 8.51 10.68 16.76
CA PHE C 185 8.67 10.75 15.33
C PHE C 185 8.72 9.36 14.73
N TYR C 186 9.64 8.55 15.24
CA TYR C 186 9.90 7.26 14.63
C TYR C 186 8.63 6.49 14.64
N THR C 187 7.93 6.53 15.76
CA THR C 187 6.73 5.77 15.81
C THR C 187 5.75 6.26 14.72
N LEU C 188 5.63 7.59 14.64
CA LEU C 188 4.65 8.20 13.73
C LEU C 188 4.97 7.89 12.28
N PHE C 189 6.25 7.86 11.98
CA PHE C 189 6.63 7.44 10.67
C PHE C 189 6.20 6.03 10.39
N GLN C 190 6.43 5.14 11.37
CA GLN C 190 6.04 3.77 11.28
C GLN C 190 4.55 3.67 11.01
N VAL C 191 3.79 4.46 11.80
CA VAL C 191 2.30 4.47 11.73
C VAL C 191 1.95 5.03 10.35
N MET C 192 2.74 6.03 9.93
CA MET C 192 2.61 6.56 8.60
C MET C 192 2.74 5.45 7.54
N THR C 193 3.68 4.56 7.77
CA THR C 193 3.80 3.46 6.89
C THR C 193 2.75 2.48 7.14
N LEU C 194 1.87 2.81 8.06
CA LEU C 194 0.83 1.91 8.47
C LEU C 194 1.39 0.51 8.75
N ASP C 195 2.62 0.45 9.31
CA ASP C 195 3.37 -0.79 9.55
C ASP C 195 2.99 -1.40 10.84
N ASP C 196 2.12 -2.40 10.72
CA ASP C 196 1.69 -3.10 11.89
C ASP C 196 1.22 -2.07 12.92
N TRP C 197 0.49 -1.10 12.43
CA TRP C 197 0.18 0.05 13.26
C TRP C 197 -0.91 -0.33 14.24
N SER C 198 -1.80 -1.20 13.80
CA SER C 198 -2.98 -1.43 14.57
C SER C 198 -2.87 -2.35 15.76
N ASN C 199 -2.70 -3.67 15.53
CA ASN C 199 -2.57 -4.61 16.63
C ASN C 199 -1.35 -4.24 17.36
N GLY C 200 -0.38 -3.63 16.69
CA GLY C 200 0.93 -3.40 17.31
C GLY C 200 1.20 -2.16 18.16
N ILE C 201 0.48 -1.08 17.93
CA ILE C 201 0.69 0.17 18.67
C ILE C 201 -0.57 0.81 19.26
N VAL C 202 -1.62 0.92 18.48
CA VAL C 202 -2.70 1.76 18.91
C VAL C 202 -3.59 0.97 19.84
N ARG C 203 -3.79 -0.32 19.58
CA ARG C 203 -4.53 -1.20 20.50
C ARG C 203 -3.86 -1.24 21.90
N PRO C 204 -2.51 -1.44 21.96
CA PRO C 204 -1.84 -1.32 23.23
C PRO C 204 -2.01 0.01 23.91
N LEU C 205 -1.79 1.12 23.20
CA LEU C 205 -2.06 2.46 23.77
C LEU C 205 -3.46 2.53 24.36
N MET C 206 -4.43 2.01 23.63
CA MET C 206 -5.82 2.10 24.10
C MET C 206 -6.16 1.37 25.40
N GLU C 207 -5.30 0.43 25.83
CA GLU C 207 -5.59 -0.30 27.07
C GLU C 207 -5.41 0.63 28.23
N VAL C 208 -4.48 1.58 28.05
CA VAL C 208 -4.24 2.68 28.98
C VAL C 208 -4.99 3.98 28.66
N TYR C 209 -4.94 4.42 27.41
CA TYR C 209 -5.53 5.69 27.06
C TYR C 209 -6.52 5.29 25.99
N PRO C 210 -7.71 4.90 26.46
CA PRO C 210 -8.79 4.41 25.59
C PRO C 210 -9.13 5.31 24.42
N TYR C 211 -8.88 6.60 24.52
CA TYR C 211 -9.26 7.48 23.43
C TYR C 211 -8.14 7.76 22.45
N ALA C 212 -7.05 7.00 22.55
CA ALA C 212 -5.87 7.22 21.70
C ALA C 212 -6.20 7.07 20.22
N TRP C 213 -7.31 6.43 19.90
CA TRP C 213 -7.71 6.27 18.50
C TRP C 213 -8.11 7.59 17.88
N VAL C 214 -8.45 8.56 18.74
CA VAL C 214 -8.81 9.93 18.36
C VAL C 214 -7.58 10.71 17.88
N PHE C 215 -6.39 10.24 18.25
CA PHE C 215 -5.14 10.82 17.75
C PHE C 215 -4.69 10.21 16.41
N PHE C 216 -4.71 8.89 16.34
CA PHE C 216 -4.08 8.17 15.24
C PHE C 216 -4.99 8.02 14.03
N ILE C 217 -6.28 7.92 14.28
CA ILE C 217 -7.18 7.70 13.18
C ILE C 217 -7.26 8.98 12.36
N PRO C 218 -7.50 10.14 13.00
CA PRO C 218 -7.35 11.40 12.26
C PRO C 218 -5.95 11.63 11.62
N PHE C 219 -4.86 11.36 12.35
CA PHE C 219 -3.46 11.43 11.85
C PHE C 219 -3.24 10.60 10.57
N ILE C 220 -3.83 9.39 10.59
CA ILE C 220 -3.64 8.46 9.50
C ILE C 220 -4.36 9.02 8.30
N PHE C 221 -5.56 9.57 8.54
CA PHE C 221 -6.30 10.26 7.52
C PHE C 221 -5.48 11.36 6.84
N VAL C 222 -5.02 12.33 7.61
CA VAL C 222 -4.25 13.44 7.06
C VAL C 222 -3.07 12.87 6.28
N VAL C 223 -2.31 11.99 6.92
CA VAL C 223 -1.07 11.43 6.36
C VAL C 223 -1.28 10.63 5.07
N THR C 224 -2.38 9.92 4.95
CA THR C 224 -2.57 9.15 3.71
C THR C 224 -3.15 10.05 2.68
N PHE C 225 -4.00 10.97 3.11
CA PHE C 225 -4.60 11.94 2.20
C PHE C 225 -3.59 12.83 1.46
N VAL C 226 -2.71 13.51 2.20
CA VAL C 226 -1.70 14.44 1.70
C VAL C 226 -0.84 13.68 0.73
N MET C 227 -0.63 12.41 1.05
CA MET C 227 0.17 11.54 0.22
C MET C 227 -0.47 11.38 -1.15
N ILE C 228 -1.78 11.21 -1.16
CA ILE C 228 -2.49 11.02 -2.39
C ILE C 228 -2.23 12.22 -3.30
N ASN C 229 -2.47 13.37 -2.72
CA ASN C 229 -2.31 14.59 -3.43
C ASN C 229 -0.86 14.85 -3.76
N LEU C 230 0.06 14.33 -2.98
CA LEU C 230 1.44 14.48 -3.35
C LEU C 230 1.63 13.77 -4.66
N VAL C 231 1.03 12.58 -4.79
CA VAL C 231 1.04 11.82 -6.05
C VAL C 231 0.20 12.48 -7.16
N VAL C 232 -0.99 12.96 -6.78
CA VAL C 232 -1.93 13.65 -7.70
C VAL C 232 -1.30 14.88 -8.36
N ALA C 233 -0.71 15.72 -7.54
CA ALA C 233 -0.06 16.92 -8.01
C ALA C 233 1.11 16.53 -8.89
N ILE C 234 1.79 15.44 -8.55
CA ILE C 234 2.91 14.95 -9.39
C ILE C 234 2.42 14.54 -10.81
N ILE C 235 1.48 13.61 -10.84
CA ILE C 235 0.89 13.13 -12.07
C ILE C 235 0.37 14.28 -12.95
N VAL C 236 -0.47 15.16 -12.38
CA VAL C 236 -1.13 16.23 -13.16
C VAL C 236 -0.10 17.24 -13.74
N ASP C 237 0.84 17.63 -12.89
CA ASP C 237 1.88 18.58 -13.27
C ASP C 237 2.82 17.93 -14.28
N MET D 19 -58.29 1.85 -15.45
CA MET D 19 -58.32 2.06 -13.97
C MET D 19 -56.90 1.87 -13.38
N TYR D 20 -56.20 0.83 -13.85
CA TYR D 20 -54.80 0.48 -13.43
C TYR D 20 -53.90 1.69 -13.33
N LEU D 21 -54.31 2.71 -14.07
CA LEU D 21 -53.68 4.02 -14.17
C LEU D 21 -53.69 4.87 -12.89
N ARG D 22 -54.70 4.65 -12.06
CA ARG D 22 -54.92 5.38 -10.81
C ARG D 22 -53.86 5.11 -9.70
N ILE D 23 -53.49 3.85 -9.52
CA ILE D 23 -52.42 3.45 -8.59
C ILE D 23 -51.08 3.99 -9.08
N THR D 24 -50.85 3.82 -10.39
CA THR D 24 -49.61 4.20 -11.10
C THR D 24 -49.19 5.64 -10.82
N ASN D 25 -50.16 6.54 -10.63
CA ASN D 25 -49.90 7.96 -10.36
C ASN D 25 -49.46 8.24 -8.92
N ILE D 26 -49.79 7.32 -8.01
CA ILE D 26 -49.40 7.40 -6.62
C ILE D 26 -47.93 7.01 -6.47
N VAL D 27 -47.57 5.89 -7.10
CA VAL D 27 -46.23 5.33 -7.05
C VAL D 27 -45.18 6.29 -7.58
N GLU D 28 -45.52 7.00 -8.64
CA GLU D 28 -44.59 7.89 -9.32
C GLU D 28 -44.38 9.25 -8.63
N SER D 29 -45.02 9.49 -7.49
CA SER D 29 -44.96 10.81 -6.88
C SER D 29 -43.63 11.12 -6.22
N SER D 30 -43.32 12.41 -6.09
CA SER D 30 -42.13 12.87 -5.35
C SER D 30 -42.19 12.60 -3.86
N PHE D 31 -43.40 12.45 -3.31
CA PHE D 31 -43.55 12.13 -1.90
C PHE D 31 -43.16 10.68 -1.69
N PHE D 32 -43.56 9.84 -2.63
CA PHE D 32 -43.37 8.40 -2.51
C PHE D 32 -41.91 8.02 -2.34
N THR D 33 -41.10 8.32 -3.35
CA THR D 33 -39.72 7.91 -3.33
C THR D 33 -38.99 8.56 -2.15
N LYS D 34 -39.33 9.82 -1.85
CA LYS D 34 -38.76 10.49 -0.67
C LYS D 34 -39.24 9.86 0.63
N PHE D 35 -40.48 9.40 0.63
CA PHE D 35 -41.02 8.77 1.81
C PHE D 35 -40.28 7.48 2.12
N ILE D 36 -40.03 6.66 1.09
CA ILE D 36 -39.32 5.39 1.31
C ILE D 36 -37.88 5.60 1.78
N ILE D 37 -37.19 6.56 1.16
CA ILE D 37 -35.84 6.90 1.60
C ILE D 37 -35.81 7.27 3.07
N TYR D 38 -36.72 8.15 3.46
CA TYR D 38 -36.84 8.55 4.84
C TYR D 38 -37.10 7.35 5.75
N LEU D 39 -37.86 6.39 5.27
CA LEU D 39 -38.08 5.17 6.02
C LEU D 39 -36.83 4.37 6.20
N ILE D 40 -36.01 4.33 5.15
CA ILE D 40 -34.75 3.59 5.16
C ILE D 40 -33.85 4.14 6.20
N VAL D 41 -33.76 5.46 6.28
CA VAL D 41 -32.90 6.10 7.27
C VAL D 41 -33.38 5.84 8.70
N LEU D 42 -34.66 5.74 8.91
CA LEU D 42 -35.12 5.40 10.26
C LEU D 42 -34.64 4.00 10.67
N ASN D 43 -34.94 3.04 9.79
CA ASN D 43 -34.56 1.64 9.98
C ASN D 43 -33.05 1.46 10.04
N GLY D 44 -32.33 2.37 9.39
CA GLY D 44 -30.90 2.33 9.41
C GLY D 44 -30.43 2.81 10.74
N ILE D 45 -31.05 3.87 11.25
CA ILE D 45 -30.75 4.32 12.58
C ILE D 45 -31.20 3.26 13.55
N THR D 46 -32.34 2.66 13.25
CA THR D 46 -32.97 1.70 14.14
C THR D 46 -32.13 0.42 14.23
N MET D 47 -31.46 0.04 13.14
CA MET D 47 -30.65 -1.19 13.11
C MET D 47 -29.30 -1.07 13.84
N GLY D 48 -28.80 0.16 13.93
CA GLY D 48 -27.63 0.46 14.73
C GLY D 48 -28.01 0.22 16.17
N LEU D 49 -29.25 0.54 16.49
CA LEU D 49 -29.74 0.34 17.83
C LEU D 49 -29.91 -1.12 18.20
N GLU D 50 -30.21 -2.00 17.23
CA GLU D 50 -30.29 -3.46 17.49
C GLU D 50 -28.93 -4.12 17.84
N THR D 51 -27.89 -3.30 17.76
CA THR D 51 -26.53 -3.71 17.95
C THR D 51 -26.11 -3.60 19.42
N SER D 52 -26.83 -2.76 20.16
CA SER D 52 -26.68 -2.61 21.59
C SER D 52 -27.64 -3.40 22.49
N LYS D 53 -27.11 -4.36 23.23
CA LYS D 53 -27.91 -5.16 24.19
C LYS D 53 -28.54 -4.25 25.27
N THR D 54 -27.81 -3.21 25.70
CA THR D 54 -28.34 -2.20 26.62
C THR D 54 -29.66 -1.56 26.13
N PHE D 55 -29.61 -0.99 24.93
CA PHE D 55 -30.78 -0.39 24.27
C PHE D 55 -31.93 -1.38 24.18
N MET D 56 -31.58 -2.65 23.98
CA MET D 56 -32.49 -3.77 23.79
C MET D 56 -33.31 -4.14 25.03
N GLN D 57 -32.79 -3.83 26.21
CA GLN D 57 -33.50 -4.17 27.45
C GLN D 57 -34.55 -3.09 27.79
N SER D 58 -34.55 -1.98 27.07
CA SER D 58 -35.52 -0.90 27.27
C SER D 58 -36.47 -0.81 26.08
N PHE D 59 -35.93 -0.54 24.89
CA PHE D 59 -36.73 -0.29 23.66
C PHE D 59 -36.91 -1.51 22.71
N GLY D 60 -36.42 -2.68 23.11
CA GLY D 60 -36.37 -3.82 22.19
C GLY D 60 -37.71 -4.16 21.58
N VAL D 61 -38.77 -3.95 22.36
CA VAL D 61 -40.11 -4.27 21.91
C VAL D 61 -40.56 -3.31 20.82
N TYR D 62 -40.17 -2.04 20.93
CA TYR D 62 -40.43 -1.01 19.89
C TYR D 62 -39.75 -1.34 18.55
N THR D 63 -38.54 -1.86 18.62
CA THR D 63 -37.71 -2.05 17.44
C THR D 63 -37.96 -3.41 16.83
N THR D 64 -38.48 -4.34 17.61
CA THR D 64 -38.74 -5.60 17.01
C THR D 64 -39.98 -5.43 16.11
N LEU D 65 -40.83 -4.46 16.40
CA LEU D 65 -42.01 -4.17 15.53
C LEU D 65 -41.89 -3.01 14.57
N PHE D 66 -41.10 -2.00 14.92
CA PHE D 66 -40.79 -0.92 13.98
C PHE D 66 -40.18 -1.56 12.73
N ASN D 67 -39.28 -2.53 12.92
CA ASN D 67 -38.77 -3.37 11.83
C ASN D 67 -39.88 -4.00 11.04
N GLN D 68 -40.78 -4.69 11.73
CA GLN D 68 -41.76 -5.54 11.05
C GLN D 68 -42.72 -4.74 10.16
N ILE D 69 -43.05 -3.51 10.52
CA ILE D 69 -43.91 -2.77 9.66
C ILE D 69 -43.10 -2.15 8.57
N VAL D 70 -41.81 -1.90 8.78
CA VAL D 70 -40.95 -1.41 7.70
C VAL D 70 -40.77 -2.49 6.66
N ILE D 71 -40.61 -3.73 7.11
CA ILE D 71 -40.47 -4.82 6.18
C ILE D 71 -41.84 -5.03 5.53
N THR D 72 -42.89 -4.65 6.23
CA THR D 72 -44.24 -4.73 5.68
C THR D 72 -44.48 -3.66 4.60
N ILE D 73 -44.20 -2.41 4.99
CA ILE D 73 -44.27 -1.22 4.11
C ILE D 73 -43.40 -1.30 2.85
N PHE D 74 -42.16 -1.74 3.02
CA PHE D 74 -41.26 -1.91 1.89
C PHE D 74 -41.84 -3.00 1.01
N THR D 75 -42.47 -3.99 1.62
CA THR D 75 -43.05 -5.10 0.86
C THR D 75 -44.25 -4.62 0.09
N ILE D 76 -45.05 -3.80 0.73
CA ILE D 76 -46.22 -3.21 0.05
C ILE D 76 -45.73 -2.43 -1.15
N GLU D 77 -44.79 -1.53 -0.89
CA GLU D 77 -44.15 -0.70 -1.90
C GLU D 77 -43.55 -1.45 -3.10
N ILE D 78 -42.85 -2.56 -2.85
CA ILE D 78 -42.23 -3.34 -3.94
C ILE D 78 -43.33 -3.88 -4.86
N ILE D 79 -44.41 -4.32 -4.22
CA ILE D 79 -45.57 -4.86 -4.90
C ILE D 79 -46.13 -3.80 -5.83
N LEU D 80 -46.30 -2.60 -5.28
CA LEU D 80 -46.79 -1.44 -6.03
C LEU D 80 -45.98 -1.13 -7.30
N ARG D 81 -44.67 -1.04 -7.12
CA ARG D 81 -43.78 -0.69 -8.19
C ARG D 81 -43.82 -1.73 -9.29
N ILE D 82 -44.20 -2.95 -8.92
CA ILE D 82 -44.44 -4.01 -9.87
C ILE D 82 -45.70 -3.76 -10.69
N TYR D 83 -46.75 -3.19 -10.09
CA TYR D 83 -47.95 -2.85 -10.90
C TYR D 83 -47.60 -1.84 -12.00
N VAL D 84 -46.98 -0.76 -11.55
CA VAL D 84 -46.62 0.37 -12.39
C VAL D 84 -45.59 0.10 -13.52
N HIS D 85 -44.66 -0.83 -13.33
CA HIS D 85 -43.61 -1.10 -14.34
C HIS D 85 -43.67 -2.43 -15.08
N ARG D 86 -44.52 -3.35 -14.63
CA ARG D 86 -44.82 -4.59 -15.37
C ARG D 86 -43.61 -5.50 -15.67
N ILE D 87 -43.50 -5.98 -16.92
CA ILE D 87 -42.39 -6.86 -17.30
C ILE D 87 -41.05 -6.12 -17.30
N SER D 88 -41.08 -4.79 -17.38
CA SER D 88 -39.86 -3.98 -17.41
C SER D 88 -39.18 -3.80 -16.03
N PHE D 89 -39.87 -4.19 -14.94
CA PHE D 89 -39.35 -4.14 -13.55
C PHE D 89 -38.19 -5.11 -13.31
N PHE D 90 -38.32 -6.33 -13.83
CA PHE D 90 -37.31 -7.36 -13.69
C PHE D 90 -36.24 -7.15 -14.74
N LYS D 91 -36.25 -6.01 -15.42
CA LYS D 91 -35.16 -5.61 -16.29
C LYS D 91 -34.51 -4.36 -15.70
N ASP D 92 -34.90 -3.98 -14.48
CA ASP D 92 -34.26 -2.84 -13.82
C ASP D 92 -33.31 -3.44 -12.80
N PRO D 93 -32.00 -3.17 -12.95
CA PRO D 93 -31.05 -3.75 -12.00
C PRO D 93 -31.33 -3.35 -10.56
N TRP D 94 -31.66 -2.08 -10.32
CA TRP D 94 -31.86 -1.50 -8.98
C TRP D 94 -33.09 -2.02 -8.25
N SER D 95 -34.11 -2.35 -9.02
CA SER D 95 -35.39 -2.80 -8.48
C SER D 95 -35.30 -4.25 -8.12
N LEU D 96 -34.65 -5.01 -9.01
CA LEU D 96 -34.36 -6.41 -8.79
C LEU D 96 -33.69 -6.64 -7.45
N PHE D 97 -32.72 -5.78 -7.12
CA PHE D 97 -32.01 -5.81 -5.83
C PHE D 97 -32.96 -5.61 -4.67
N ASP D 98 -33.77 -4.56 -4.79
CA ASP D 98 -34.79 -4.22 -3.83
C ASP D 98 -35.64 -5.43 -3.54
N PHE D 99 -36.00 -6.13 -4.61
CA PHE D 99 -36.78 -7.34 -4.47
C PHE D 99 -36.13 -8.33 -3.51
N PHE D 100 -34.92 -8.74 -3.88
CA PHE D 100 -34.22 -9.81 -3.18
C PHE D 100 -33.82 -9.36 -1.79
N VAL D 101 -33.40 -8.10 -1.68
CA VAL D 101 -32.94 -7.55 -0.40
C VAL D 101 -34.10 -7.35 0.53
N VAL D 102 -35.31 -7.33 -0.02
CA VAL D 102 -36.49 -7.22 0.79
C VAL D 102 -36.98 -8.62 1.12
N ALA D 103 -36.97 -9.48 0.12
CA ALA D 103 -37.35 -10.88 0.32
C ALA D 103 -36.61 -11.55 1.48
N ILE D 104 -35.30 -11.36 1.51
CA ILE D 104 -34.45 -11.84 2.61
C ILE D 104 -35.00 -11.43 3.98
N SER D 105 -35.34 -10.15 4.11
CA SER D 105 -35.85 -9.57 5.35
C SER D 105 -37.17 -10.09 5.86
N LEU D 106 -37.86 -10.92 5.10
CA LEU D 106 -39.19 -11.33 5.57
C LEU D 106 -39.28 -12.63 6.38
N VAL D 107 -38.36 -13.55 6.15
CA VAL D 107 -38.32 -14.83 6.87
C VAL D 107 -38.12 -14.65 8.39
N PRO D 108 -39.03 -15.19 9.20
CA PRO D 108 -39.17 -14.75 10.55
C PRO D 108 -37.95 -15.12 11.36
N THR D 109 -37.40 -14.11 12.04
CA THR D 109 -36.65 -14.33 13.26
C THR D 109 -35.65 -15.47 13.13
N SER D 110 -35.75 -16.48 14.00
CA SER D 110 -34.86 -17.63 14.05
C SER D 110 -35.36 -18.86 13.28
N SER D 111 -34.76 -20.00 13.61
CA SER D 111 -35.34 -21.32 13.33
C SER D 111 -35.07 -21.88 11.94
N GLY D 112 -34.20 -21.22 11.20
CA GLY D 112 -33.66 -21.81 9.97
C GLY D 112 -32.16 -21.65 9.95
N PHE D 113 -31.64 -20.85 9.03
CA PHE D 113 -30.25 -20.42 9.05
C PHE D 113 -30.30 -18.98 9.46
N GLU D 114 -29.77 -18.66 10.65
CA GLU D 114 -30.00 -17.35 11.26
C GLU D 114 -28.85 -16.45 10.88
N ILE D 115 -28.00 -16.93 10.01
CA ILE D 115 -27.12 -16.04 9.33
C ILE D 115 -28.03 -15.05 8.65
N LEU D 116 -29.19 -15.52 8.22
CA LEU D 116 -30.18 -14.69 7.50
C LEU D 116 -30.75 -13.49 8.26
N ARG D 117 -30.83 -13.53 9.59
CA ARG D 117 -31.34 -12.42 10.44
C ARG D 117 -30.48 -11.14 10.35
N VAL D 118 -29.18 -11.35 10.23
CA VAL D 118 -28.23 -10.28 10.10
C VAL D 118 -28.19 -9.82 8.64
N LEU D 119 -28.41 -10.75 7.71
CA LEU D 119 -28.46 -10.41 6.30
C LEU D 119 -29.53 -9.35 6.02
N ARG D 120 -30.46 -9.18 6.96
CA ARG D 120 -31.49 -8.14 6.89
C ARG D 120 -30.92 -6.77 6.65
N VAL D 121 -29.72 -6.55 7.15
CA VAL D 121 -29.16 -5.22 7.11
C VAL D 121 -28.81 -4.80 5.69
N LEU D 122 -28.65 -5.74 4.78
CA LEU D 122 -28.41 -5.38 3.38
C LEU D 122 -29.51 -4.44 2.85
N ARG D 123 -30.64 -4.41 3.54
CA ARG D 123 -31.70 -3.52 3.14
C ARG D 123 -31.31 -2.06 3.35
N LEU D 124 -30.28 -1.78 4.11
CA LEU D 124 -29.89 -0.39 4.27
C LEU D 124 -29.24 0.14 3.03
N PHE D 125 -28.90 -0.76 2.11
CA PHE D 125 -28.36 -0.38 0.82
C PHE D 125 -29.41 0.19 -0.16
N ARG D 126 -30.68 0.10 0.22
CA ARG D 126 -31.74 0.72 -0.59
C ARG D 126 -31.54 2.23 -0.55
N LEU D 127 -30.81 2.69 0.47
CA LEU D 127 -30.40 4.06 0.53
C LEU D 127 -29.61 4.37 -0.71
N VAL D 128 -28.83 3.41 -1.19
CA VAL D 128 -28.09 3.60 -2.45
C VAL D 128 -29.01 3.56 -3.69
N THR D 129 -29.87 2.55 -3.76
CA THR D 129 -30.76 2.37 -4.92
C THR D 129 -31.67 3.58 -5.15
N ALA D 130 -32.09 4.22 -4.06
CA ALA D 130 -33.17 5.20 -4.10
C ALA D 130 -32.69 6.67 -4.13
N VAL D 131 -31.39 6.88 -3.94
CA VAL D 131 -30.80 8.22 -3.98
C VAL D 131 -29.96 8.33 -5.25
N PRO D 132 -30.27 9.28 -6.15
CA PRO D 132 -29.65 9.23 -7.49
C PRO D 132 -28.13 9.45 -7.61
N GLN D 133 -27.54 10.24 -6.70
CA GLN D 133 -26.10 10.42 -6.70
C GLN D 133 -25.38 9.15 -6.29
N MET D 134 -25.91 8.48 -5.26
CA MET D 134 -25.36 7.19 -4.83
C MET D 134 -25.47 6.17 -5.95
N ARG D 135 -26.65 6.00 -6.55
CA ARG D 135 -26.74 5.07 -7.67
C ARG D 135 -25.71 5.42 -8.74
N LYS D 136 -25.42 6.71 -9.01
CA LYS D 136 -24.44 7.04 -10.08
C LYS D 136 -23.03 6.58 -9.75
N ILE D 137 -22.56 6.98 -8.55
CA ILE D 137 -21.21 6.63 -8.11
C ILE D 137 -21.14 5.12 -8.30
N VAL D 138 -22.11 4.42 -7.71
CA VAL D 138 -22.11 2.99 -7.77
C VAL D 138 -22.17 2.60 -9.22
N SER D 139 -23.07 3.21 -9.98
CA SER D 139 -23.16 2.94 -11.40
C SER D 139 -21.82 3.24 -12.06
N ALA D 140 -21.22 4.38 -11.71
CA ALA D 140 -19.88 4.76 -12.21
C ALA D 140 -18.84 3.72 -11.85
N LEU D 141 -18.81 3.34 -10.56
CA LEU D 141 -17.91 2.30 -10.06
C LEU D 141 -18.04 0.94 -10.80
N ILE D 142 -19.24 0.36 -10.82
CA ILE D 142 -19.48 -0.91 -11.50
C ILE D 142 -19.00 -0.84 -12.95
N SER D 143 -19.12 0.38 -13.50
CA SER D 143 -18.88 0.63 -14.90
C SER D 143 -17.46 0.36 -15.29
N VAL D 144 -16.56 0.39 -14.31
CA VAL D 144 -15.13 0.16 -14.50
C VAL D 144 -14.90 -1.37 -14.54
N ILE D 145 -15.88 -2.13 -14.06
CA ILE D 145 -15.76 -3.55 -13.91
C ILE D 145 -15.72 -4.25 -15.24
N PRO D 146 -16.65 -3.89 -16.15
CA PRO D 146 -16.59 -4.65 -17.38
C PRO D 146 -15.22 -4.59 -18.04
N GLY D 147 -14.57 -3.44 -17.97
CA GLY D 147 -13.20 -3.28 -18.48
C GLY D 147 -12.10 -4.00 -17.70
N MET D 148 -12.41 -4.47 -16.49
CA MET D 148 -11.46 -5.23 -15.66
C MET D 148 -11.61 -6.74 -15.84
N LEU D 149 -12.78 -7.19 -16.28
CA LEU D 149 -13.09 -8.60 -16.31
C LEU D 149 -12.05 -9.41 -17.05
N SER D 150 -11.44 -8.87 -18.09
CA SER D 150 -10.38 -9.60 -18.78
C SER D 150 -9.16 -9.78 -17.85
N VAL D 151 -8.82 -8.74 -17.11
CA VAL D 151 -7.72 -8.77 -16.12
C VAL D 151 -8.00 -9.68 -14.87
N ILE D 152 -9.18 -9.54 -14.27
CA ILE D 152 -9.69 -10.45 -13.22
C ILE D 152 -9.65 -11.90 -13.65
N ALA D 153 -10.05 -12.18 -14.88
CA ALA D 153 -10.02 -13.51 -15.35
C ALA D 153 -8.58 -13.97 -15.26
N LEU D 154 -7.66 -13.16 -15.79
CA LEU D 154 -6.25 -13.55 -15.82
C LEU D 154 -5.66 -13.79 -14.45
N MET D 155 -5.97 -12.90 -13.50
CA MET D 155 -5.48 -13.00 -12.12
C MET D 155 -5.95 -14.29 -11.46
N THR D 156 -7.24 -14.56 -11.57
CA THR D 156 -7.83 -15.74 -11.01
C THR D 156 -7.25 -16.99 -11.63
N LEU D 157 -6.93 -16.96 -12.90
CA LEU D 157 -6.28 -18.11 -13.47
C LEU D 157 -4.89 -18.24 -12.86
N PHE D 158 -4.22 -17.10 -12.64
CA PHE D 158 -2.89 -17.07 -11.96
C PHE D 158 -2.96 -17.57 -10.52
N PHE D 159 -3.93 -17.05 -9.78
CA PHE D 159 -4.07 -17.44 -8.41
C PHE D 159 -4.33 -18.94 -8.34
N TYR D 160 -5.20 -19.42 -9.20
CA TYR D 160 -5.64 -20.82 -9.12
C TYR D 160 -4.45 -21.72 -9.39
N ILE D 161 -3.62 -21.27 -10.32
CA ILE D 161 -2.44 -22.00 -10.66
C ILE D 161 -1.41 -22.04 -9.51
N PHE D 162 -1.22 -20.89 -8.87
CA PHE D 162 -0.25 -20.83 -7.82
C PHE D 162 -0.78 -21.54 -6.57
N ALA D 163 -2.09 -21.49 -6.35
CA ALA D 163 -2.72 -22.22 -5.23
C ALA D 163 -2.57 -23.74 -5.37
N ILE D 164 -2.62 -24.24 -6.58
CA ILE D 164 -2.42 -25.67 -6.74
C ILE D 164 -1.01 -25.99 -6.34
N MET D 165 -0.05 -25.25 -6.89
CA MET D 165 1.35 -25.51 -6.60
C MET D 165 1.66 -25.43 -5.12
N ALA D 166 1.12 -24.44 -4.44
CA ALA D 166 1.42 -24.33 -3.04
C ALA D 166 0.96 -25.61 -2.31
N THR D 167 -0.21 -26.12 -2.65
CA THR D 167 -0.65 -27.31 -1.98
C THR D 167 0.23 -28.49 -2.20
N GLN D 168 0.80 -28.66 -3.37
CA GLN D 168 1.69 -29.81 -3.55
C GLN D 168 3.05 -29.66 -2.89
N LEU D 169 3.53 -28.42 -2.81
CA LEU D 169 4.84 -28.16 -2.25
C LEU D 169 4.82 -27.94 -0.74
N PHE D 170 3.76 -27.37 -0.19
CA PHE D 170 3.86 -26.93 1.18
C PHE D 170 2.80 -27.41 2.13
N GLY D 171 1.80 -28.11 1.64
CA GLY D 171 0.68 -28.53 2.47
C GLY D 171 0.95 -29.64 3.48
N GLU D 172 2.01 -30.40 3.26
CA GLU D 172 2.35 -31.49 4.14
C GLU D 172 2.83 -30.97 5.47
N ARG D 173 3.78 -30.02 5.46
CA ARG D 173 4.36 -29.50 6.69
C ARG D 173 3.63 -28.27 7.12
N PHE D 174 2.85 -27.68 6.24
CA PHE D 174 2.14 -26.50 6.64
C PHE D 174 0.67 -26.58 6.26
N PRO D 175 -0.02 -27.61 6.76
CA PRO D 175 -1.42 -27.85 6.41
C PRO D 175 -2.34 -26.70 6.76
N GLU D 176 -2.03 -25.95 7.82
CA GLU D 176 -2.90 -24.83 8.18
C GLU D 176 -3.01 -23.87 7.02
N TRP D 177 -1.87 -23.66 6.39
CA TRP D 177 -1.72 -22.67 5.32
C TRP D 177 -1.84 -23.11 3.86
N PHE D 178 -1.56 -24.38 3.61
CA PHE D 178 -1.44 -24.87 2.25
C PHE D 178 -1.92 -26.27 2.14
N GLY D 179 -2.62 -26.71 3.15
CA GLY D 179 -3.02 -28.11 3.21
C GLY D 179 -3.93 -28.51 2.09
N THR D 180 -4.73 -27.55 1.64
CA THR D 180 -5.83 -27.76 0.72
C THR D 180 -5.96 -26.54 -0.13
N LEU D 181 -6.61 -26.69 -1.27
CA LEU D 181 -6.65 -25.62 -2.24
C LEU D 181 -7.19 -24.34 -1.74
N GLY D 182 -8.30 -24.42 -1.05
CA GLY D 182 -8.90 -23.20 -0.51
C GLY D 182 -7.91 -22.44 0.35
N GLU D 183 -7.18 -23.21 1.14
CA GLU D 183 -6.25 -22.64 2.08
C GLU D 183 -5.16 -22.01 1.32
N SER D 184 -4.60 -22.75 0.37
CA SER D 184 -3.56 -22.24 -0.48
C SER D 184 -4.03 -20.96 -1.15
N PHE D 185 -5.33 -20.94 -1.48
CA PHE D 185 -5.90 -19.76 -2.10
C PHE D 185 -5.80 -18.60 -1.16
N TYR D 186 -6.30 -18.86 0.05
CA TYR D 186 -6.36 -17.85 1.12
C TYR D 186 -5.00 -17.24 1.46
N THR D 187 -4.00 -18.10 1.64
CA THR D 187 -2.71 -17.60 1.99
C THR D 187 -2.15 -16.71 0.84
N LEU D 188 -2.32 -17.21 -0.40
CA LEU D 188 -1.89 -16.50 -1.57
C LEU D 188 -2.59 -15.20 -1.69
N PHE D 189 -3.87 -15.17 -1.28
CA PHE D 189 -4.56 -13.90 -1.26
C PHE D 189 -3.90 -12.99 -0.29
N GLN D 190 -3.57 -13.55 0.87
CA GLN D 190 -2.90 -12.79 1.90
C GLN D 190 -1.55 -12.27 1.44
N VAL D 191 -0.80 -13.10 0.80
CA VAL D 191 0.49 -12.69 0.40
C VAL D 191 0.38 -11.55 -0.64
N MET D 192 -0.61 -11.68 -1.50
CA MET D 192 -0.90 -10.60 -2.45
C MET D 192 -1.27 -9.28 -1.76
N THR D 193 -2.08 -9.31 -0.68
CA THR D 193 -2.34 -8.05 0.02
C THR D 193 -1.09 -7.68 0.83
N LEU D 194 -0.03 -8.47 0.60
CA LEU D 194 1.27 -8.26 1.18
C LEU D 194 1.36 -8.26 2.67
N ASP D 195 0.37 -8.88 3.35
CA ASP D 195 0.12 -8.72 4.82
C ASP D 195 0.86 -9.73 5.72
N ASP D 196 1.88 -9.22 6.40
CA ASP D 196 2.68 -10.01 7.30
C ASP D 196 3.04 -11.26 6.57
N TRP D 197 3.58 -11.08 5.38
CA TRP D 197 3.78 -12.23 4.50
C TRP D 197 5.11 -13.03 4.75
N SER D 198 6.19 -12.26 5.00
CA SER D 198 7.55 -12.80 5.19
C SER D 198 7.78 -13.41 6.60
N ASN D 199 7.80 -12.56 7.63
CA ASN D 199 7.89 -13.06 8.96
C ASN D 199 6.67 -13.93 9.27
N GLY D 200 5.53 -13.67 8.68
CA GLY D 200 4.35 -14.45 9.02
C GLY D 200 4.20 -15.82 8.32
N ILE D 201 4.61 -15.87 7.04
CA ILE D 201 4.41 -17.05 6.18
C ILE D 201 5.69 -17.57 5.52
N VAL D 202 6.44 -16.71 4.90
CA VAL D 202 7.50 -17.30 4.10
C VAL D 202 8.75 -17.70 4.91
N ARG D 203 9.14 -16.85 5.87
CA ARG D 203 10.27 -17.12 6.72
C ARG D 203 10.09 -18.45 7.45
N PRO D 204 8.90 -18.69 8.02
CA PRO D 204 8.61 -19.99 8.59
C PRO D 204 8.67 -21.08 7.56
N LEU D 205 8.12 -20.84 6.37
CA LEU D 205 8.27 -21.84 5.31
C LEU D 205 9.72 -22.17 5.06
N MET D 206 10.52 -21.13 4.99
CA MET D 206 11.89 -21.28 4.60
C MET D 206 12.64 -22.10 5.66
N GLU D 207 12.14 -22.18 6.89
CA GLU D 207 12.87 -22.97 7.85
C GLU D 207 12.94 -24.41 7.37
N VAL D 208 11.88 -24.86 6.71
CA VAL D 208 11.88 -26.19 6.17
C VAL D 208 12.15 -26.27 4.66
N TYR D 209 11.62 -25.35 3.89
CA TYR D 209 11.79 -25.45 2.46
C TYR D 209 12.46 -24.17 2.01
N PRO D 210 13.80 -24.17 1.98
CA PRO D 210 14.60 -22.95 1.80
C PRO D 210 14.37 -22.14 0.57
N TYR D 211 13.81 -22.67 -0.51
CA TYR D 211 13.64 -21.81 -1.70
C TYR D 211 12.28 -21.20 -1.87
N ALA D 212 11.48 -21.30 -0.83
CA ALA D 212 10.13 -20.83 -0.91
C ALA D 212 10.10 -19.36 -1.36
N TRP D 213 11.19 -18.63 -1.14
CA TRP D 213 11.21 -17.26 -1.63
C TRP D 213 11.11 -17.19 -3.12
N VAL D 214 11.52 -18.26 -3.79
CA VAL D 214 11.43 -18.30 -5.26
C VAL D 214 10.03 -18.53 -5.81
N PHE D 215 9.18 -19.09 -5.00
CA PHE D 215 7.75 -19.17 -5.34
C PHE D 215 7.21 -17.82 -4.96
N PHE D 216 7.43 -17.41 -3.74
CA PHE D 216 6.68 -16.27 -3.32
C PHE D 216 7.14 -14.92 -3.85
N ILE D 217 8.42 -14.71 -4.07
CA ILE D 217 8.77 -13.35 -4.51
C ILE D 217 8.41 -13.07 -5.97
N PRO D 218 8.72 -14.01 -6.93
CA PRO D 218 8.18 -13.79 -8.27
C PRO D 218 6.66 -13.66 -8.22
N PHE D 219 6.00 -14.57 -7.54
CA PHE D 219 4.58 -14.47 -7.33
C PHE D 219 4.24 -13.07 -6.87
N ILE D 220 5.05 -12.56 -5.97
CA ILE D 220 4.80 -11.29 -5.35
C ILE D 220 4.92 -10.20 -6.38
N PHE D 221 5.91 -10.32 -7.24
CA PHE D 221 6.07 -9.39 -8.35
C PHE D 221 4.86 -9.36 -9.30
N VAL D 222 4.49 -10.51 -9.84
CA VAL D 222 3.46 -10.62 -10.85
C VAL D 222 2.18 -10.02 -10.35
N VAL D 223 1.70 -10.51 -9.22
CA VAL D 223 0.45 -10.04 -8.71
C VAL D 223 0.60 -8.56 -8.48
N THR D 224 1.79 -8.10 -8.15
CA THR D 224 1.98 -6.66 -7.88
C THR D 224 1.97 -5.88 -9.19
N PHE D 225 2.62 -6.46 -10.20
CA PHE D 225 2.74 -5.95 -11.60
C PHE D 225 1.39 -5.65 -12.29
N VAL D 226 0.49 -6.64 -12.23
CA VAL D 226 -0.86 -6.55 -12.82
C VAL D 226 -1.69 -5.46 -12.19
N MET D 227 -1.66 -5.40 -10.87
CA MET D 227 -2.45 -4.44 -10.11
C MET D 227 -2.09 -2.99 -10.45
N ILE D 228 -0.80 -2.68 -10.40
CA ILE D 228 -0.32 -1.35 -10.76
C ILE D 228 -0.85 -1.03 -12.14
N ASN D 229 -0.63 -1.94 -13.09
CA ASN D 229 -0.96 -1.74 -14.53
C ASN D 229 -2.43 -1.59 -14.86
N LEU D 230 -3.30 -2.23 -14.07
CA LEU D 230 -4.76 -2.07 -14.22
C LEU D 230 -5.25 -0.65 -13.88
N VAL D 231 -4.72 -0.09 -12.81
CA VAL D 231 -4.98 1.30 -12.42
C VAL D 231 -4.60 2.30 -13.54
N VAL D 232 -3.41 2.15 -14.14
CA VAL D 232 -3.02 3.01 -15.23
C VAL D 232 -4.09 2.88 -16.30
N ALA D 233 -4.57 1.66 -16.56
CA ALA D 233 -5.60 1.46 -17.59
C ALA D 233 -6.90 2.16 -17.24
N ILE D 234 -7.24 2.19 -15.96
CA ILE D 234 -8.42 2.93 -15.49
C ILE D 234 -8.26 4.42 -15.79
N ILE D 235 -7.11 4.96 -15.39
CA ILE D 235 -6.75 6.39 -15.57
C ILE D 235 -6.83 6.95 -17.02
N VAL D 236 -6.19 6.28 -17.98
CA VAL D 236 -6.13 6.79 -19.36
C VAL D 236 -7.49 6.83 -20.05
N ASP D 237 -8.22 5.72 -19.87
CA ASP D 237 -9.56 5.49 -20.47
C ASP D 237 -10.67 6.34 -19.79
#